data_6IHI
#
_entry.id   6IHI
#
_cell.length_a   69.075
_cell.length_b   69.075
_cell.length_c   388.987
_cell.angle_alpha   90.000
_cell.angle_beta   90.000
_cell.angle_gamma   120.000
#
_symmetry.space_group_name_H-M   'P 61'
#
loop_
_entity.id
_entity.type
_entity.pdbx_description
1 polymer 'Alclohol dehydrogenase'
2 non-polymer 'NADP NICOTINAMIDE-ADENINE-DINUCLEOTIDE PHOSPHATE'
3 non-polymer (2R,3S)-2-ethyl-2-[(2E)-2-(6-methoxy-3,4-dihydro-2H-naphthalen-1-ylidene)ethyl]-3-oxidanyl-cyclopentan-1-one
4 water water
#
_entity_poly.entity_id   1
_entity_poly.type   'polypeptide(L)'
_entity_poly.pdbx_seq_one_letter_code
;MYRLLNKTAVITGGNSGIGLATAKRFVAEGAYVFIVGRRRKELEQAAAEIGRNVTAVKADVTKLEDLDRLYAIVREQRGS
IDVLFANSGAVEQKTLEEITPEHYDRTFDVNVRGLIFTVQKALPLLRDGGSVILTSSVAGVLGLQAHDTYSAAKAAVRSL
ARTWTTELKGRSIRVNAVSPGAIDTPSLENQVSTQEEADELRAKAAAATPLGRVGRPEELAAAVLFLASDDSSYVAGIEL
FVDGGLTQV
;
_entity_poly.pdbx_strand_id   A,B,C,D
#
# COMPACT_ATOMS: atom_id res chain seq x y z
N TYR A 2 -0.57 -31.90 -16.72
CA TYR A 2 -1.15 -31.20 -15.58
C TYR A 2 -0.80 -29.71 -15.67
N ARG A 3 -0.86 -28.98 -14.55
CA ARG A 3 -0.83 -27.52 -14.65
C ARG A 3 0.54 -26.96 -14.99
N LEU A 4 1.61 -27.74 -14.87
CA LEU A 4 2.93 -27.34 -15.35
C LEU A 4 3.51 -28.40 -16.28
N LEU A 5 2.65 -29.09 -17.03
CA LEU A 5 3.08 -30.24 -17.81
C LEU A 5 4.20 -29.86 -18.78
N ASN A 6 5.33 -30.56 -18.66
CA ASN A 6 6.49 -30.43 -19.53
C ASN A 6 7.18 -29.08 -19.39
N LYS A 7 6.81 -28.28 -18.38
CA LYS A 7 7.48 -27.01 -18.11
C LYS A 7 8.77 -27.25 -17.33
N THR A 8 9.77 -26.40 -17.56
CA THR A 8 11.04 -26.45 -16.86
C THR A 8 11.09 -25.34 -15.80
N ALA A 9 11.33 -25.73 -14.55
CA ALA A 9 11.37 -24.80 -13.43
C ALA A 9 12.73 -24.86 -12.74
N VAL A 10 13.23 -23.69 -12.34
CA VAL A 10 14.45 -23.56 -11.55
C VAL A 10 14.07 -22.92 -10.23
N ILE A 11 14.47 -23.56 -9.11
CA ILE A 11 14.12 -23.10 -7.77
C ILE A 11 15.40 -22.96 -6.96
N THR A 12 15.79 -21.72 -6.66
CA THR A 12 16.91 -21.52 -5.75
C THR A 12 16.43 -21.64 -4.31
N GLY A 13 17.30 -22.14 -3.43
CA GLY A 13 16.85 -22.49 -2.11
C GLY A 13 15.87 -23.65 -2.10
N GLY A 14 15.99 -24.57 -3.04
CA GLY A 14 15.04 -25.65 -3.21
C GLY A 14 15.32 -26.93 -2.44
N ASN A 15 16.30 -26.94 -1.54
CA ASN A 15 16.62 -28.17 -0.81
C ASN A 15 15.95 -28.25 0.56
N SER A 16 15.17 -27.25 0.96
CA SER A 16 14.51 -27.29 2.26
C SER A 16 13.32 -26.34 2.25
N GLY A 17 12.50 -26.49 3.28
CA GLY A 17 11.42 -25.53 3.56
C GLY A 17 10.52 -25.26 2.38
N ILE A 18 10.33 -23.97 2.09
CA ILE A 18 9.37 -23.54 1.08
C ILE A 18 9.82 -23.97 -0.31
N GLY A 19 11.11 -23.81 -0.61
CA GLY A 19 11.61 -24.20 -1.92
C GLY A 19 11.42 -25.69 -2.20
N LEU A 20 11.62 -26.52 -1.18
CA LEU A 20 11.43 -27.96 -1.36
C LEU A 20 9.96 -28.31 -1.56
N ALA A 21 9.07 -27.73 -0.76
CA ALA A 21 7.65 -27.99 -0.93
C ALA A 21 7.18 -27.53 -2.29
N THR A 22 7.73 -26.42 -2.79
CA THR A 22 7.39 -25.95 -4.13
C THR A 22 7.90 -26.92 -5.18
N ALA A 23 9.15 -27.40 -5.04
CA ALA A 23 9.67 -28.39 -5.95
C ALA A 23 8.77 -29.61 -6.04
N LYS A 24 8.30 -30.11 -4.89
CA LYS A 24 7.43 -31.28 -4.88
C LYS A 24 6.12 -31.00 -5.62
N ARG A 25 5.50 -29.84 -5.33
CA ARG A 25 4.26 -29.49 -6.01
C ARG A 25 4.47 -29.34 -7.51
N PHE A 26 5.57 -28.68 -7.90
CA PHE A 26 5.85 -28.50 -9.33
C PHE A 26 5.97 -29.84 -10.05
N VAL A 27 6.71 -30.79 -9.47
CA VAL A 27 6.84 -32.10 -10.09
C VAL A 27 5.48 -32.81 -10.12
N ALA A 28 4.70 -32.67 -9.06
CA ALA A 28 3.36 -33.25 -9.04
C ALA A 28 2.48 -32.65 -10.12
N GLU A 29 2.77 -31.42 -10.57
CA GLU A 29 2.02 -30.79 -11.64
C GLU A 29 2.67 -31.00 -13.01
N GLY A 30 3.67 -31.87 -13.10
CA GLY A 30 4.23 -32.25 -14.38
C GLY A 30 5.48 -31.52 -14.81
N ALA A 31 6.05 -30.69 -13.96
CA ALA A 31 7.23 -29.94 -14.36
C ALA A 31 8.50 -30.77 -14.16
N TYR A 32 9.55 -30.38 -14.86
CA TYR A 32 10.92 -30.79 -14.53
C TYR A 32 11.55 -29.67 -13.73
N VAL A 33 12.14 -30.01 -12.59
CA VAL A 33 12.58 -29.02 -11.60
C VAL A 33 14.08 -29.15 -11.36
N PHE A 34 14.77 -28.01 -11.36
CA PHE A 34 16.11 -27.91 -10.80
C PHE A 34 16.00 -27.27 -9.42
N ILE A 35 16.46 -27.98 -8.39
CA ILE A 35 16.56 -27.41 -7.05
C ILE A 35 18.01 -27.02 -6.81
N VAL A 36 18.21 -25.84 -6.22
CA VAL A 36 19.52 -25.23 -6.09
C VAL A 36 19.75 -24.88 -4.63
N GLY A 37 20.95 -25.17 -4.14
CA GLY A 37 21.32 -24.86 -2.76
C GLY A 37 22.80 -25.09 -2.57
N ARG A 38 23.26 -24.78 -1.36
CA ARG A 38 24.68 -24.91 -1.06
C ARG A 38 25.04 -26.24 -0.42
N ARG A 39 24.08 -26.88 0.25
CA ARG A 39 24.37 -28.08 1.03
C ARG A 39 24.14 -29.32 0.17
N ARG A 40 25.16 -30.18 0.08
CA ARG A 40 25.06 -31.35 -0.79
C ARG A 40 24.22 -32.43 -0.12
N LYS A 41 24.41 -32.67 1.19
CA LYS A 41 23.62 -33.70 1.87
C LYS A 41 22.14 -33.39 1.75
N GLU A 42 21.75 -32.13 1.94
CA GLU A 42 20.33 -31.77 1.88
C GLU A 42 19.82 -31.78 0.44
N LEU A 43 20.64 -31.36 -0.52
CA LEU A 43 20.21 -31.40 -1.92
C LEU A 43 19.92 -32.83 -2.37
N GLU A 44 20.81 -33.76 -2.02
CA GLU A 44 20.60 -35.14 -2.44
C GLU A 44 19.38 -35.74 -1.76
N GLN A 45 19.20 -35.48 -0.47
CA GLN A 45 18.03 -35.99 0.23
C GLN A 45 16.76 -35.35 -0.30
N ALA A 46 16.81 -34.05 -0.61
CA ALA A 46 15.65 -33.39 -1.20
C ALA A 46 15.31 -34.00 -2.55
N ALA A 47 16.30 -34.17 -3.42
CA ALA A 47 16.06 -34.78 -4.72
C ALA A 47 15.52 -36.20 -4.57
N ALA A 48 16.01 -36.93 -3.57
CA ALA A 48 15.50 -38.28 -3.30
C ALA A 48 14.05 -38.26 -2.84
N GLU A 49 13.69 -37.27 -2.02
CA GLU A 49 12.29 -37.16 -1.58
C GLU A 49 11.38 -36.78 -2.75
N ILE A 50 11.85 -35.89 -3.63
CA ILE A 50 11.05 -35.54 -4.81
C ILE A 50 10.86 -36.75 -5.70
N GLY A 51 11.93 -37.50 -5.95
CA GLY A 51 11.84 -38.84 -6.50
C GLY A 51 11.96 -38.95 -8.01
N ARG A 52 11.59 -37.92 -8.75
CA ARG A 52 11.58 -38.00 -10.20
C ARG A 52 11.59 -36.58 -10.77
N ASN A 53 12.04 -36.49 -12.03
CA ASN A 53 12.01 -35.24 -12.81
C ASN A 53 12.66 -34.08 -12.06
N VAL A 54 13.81 -34.36 -11.44
CA VAL A 54 14.52 -33.36 -10.65
C VAL A 54 16.03 -33.50 -10.87
N THR A 55 16.71 -32.37 -10.97
CA THR A 55 18.16 -32.31 -10.93
C THR A 55 18.55 -31.38 -9.80
N ALA A 56 19.35 -31.87 -8.85
CA ALA A 56 19.89 -31.04 -7.78
C ALA A 56 21.18 -30.38 -8.26
N VAL A 57 21.31 -29.08 -8.00
CA VAL A 57 22.50 -28.34 -8.41
C VAL A 57 23.07 -27.63 -7.18
N LYS A 58 24.32 -27.94 -6.85
CA LYS A 58 25.02 -27.23 -5.79
C LYS A 58 25.48 -25.88 -6.34
N ALA A 59 25.02 -24.80 -5.72
CA ALA A 59 25.41 -23.46 -6.17
C ALA A 59 25.14 -22.47 -5.06
N ASP A 60 26.11 -21.61 -4.80
CA ASP A 60 25.96 -20.47 -3.92
C ASP A 60 25.55 -19.27 -4.76
N VAL A 61 24.33 -18.77 -4.57
CA VAL A 61 23.83 -17.71 -5.43
C VAL A 61 24.65 -16.44 -5.28
N THR A 62 25.44 -16.31 -4.22
CA THR A 62 26.33 -15.16 -4.08
C THR A 62 27.61 -15.29 -4.89
N LYS A 63 27.84 -16.44 -5.54
CA LYS A 63 29.03 -16.64 -6.36
C LYS A 63 28.61 -16.65 -7.82
N LEU A 64 29.08 -15.67 -8.59
CA LEU A 64 28.68 -15.53 -9.99
C LEU A 64 29.01 -16.78 -10.79
N GLU A 65 30.15 -17.42 -10.49
CA GLU A 65 30.55 -18.59 -11.26
C GLU A 65 29.66 -19.80 -10.98
N ASP A 66 29.06 -19.85 -9.78
CA ASP A 66 28.12 -20.94 -9.50
C ASP A 66 26.83 -20.77 -10.28
N LEU A 67 26.41 -19.51 -10.48
CA LEU A 67 25.22 -19.25 -11.29
C LEU A 67 25.47 -19.58 -12.75
N ASP A 68 26.67 -19.24 -13.27
CA ASP A 68 27.00 -19.63 -14.64
C ASP A 68 26.92 -21.13 -14.81
N ARG A 69 27.47 -21.89 -13.86
CA ARG A 69 27.42 -23.35 -13.94
C ARG A 69 26.00 -23.86 -13.88
N LEU A 70 25.18 -23.29 -12.99
CA LEU A 70 23.78 -23.68 -12.88
C LEU A 70 23.08 -23.58 -14.24
N TYR A 71 23.20 -22.44 -14.91
CA TYR A 71 22.47 -22.27 -16.16
C TYR A 71 23.09 -23.03 -17.32
N ALA A 72 24.37 -23.39 -17.23
CA ALA A 72 24.94 -24.33 -18.18
C ALA A 72 24.31 -25.71 -18.03
N ILE A 73 24.06 -26.13 -16.79
CA ILE A 73 23.40 -27.42 -16.55
C ILE A 73 21.98 -27.39 -17.09
N VAL A 74 21.25 -26.30 -16.79
CA VAL A 74 19.87 -26.18 -17.27
C VAL A 74 19.83 -26.19 -18.79
N ARG A 75 20.77 -25.48 -19.44
CA ARG A 75 20.79 -25.44 -20.89
C ARG A 75 20.99 -26.82 -21.48
N GLU A 76 21.92 -27.59 -20.91
CA GLU A 76 22.18 -28.94 -21.43
C GLU A 76 20.99 -29.86 -21.19
N GLN A 77 20.44 -29.84 -19.99
CA GLN A 77 19.46 -30.86 -19.63
C GLN A 77 18.07 -30.57 -20.15
N ARG A 78 17.70 -29.29 -20.24
CA ARG A 78 16.34 -28.93 -20.66
C ARG A 78 16.27 -27.85 -21.73
N GLY A 79 17.28 -27.00 -21.88
CA GLY A 79 17.37 -26.10 -23.01
C GLY A 79 16.74 -24.74 -22.79
N SER A 80 15.85 -24.60 -21.81
CA SER A 80 15.12 -23.35 -21.60
C SER A 80 14.50 -23.40 -20.22
N ILE A 81 14.01 -22.25 -19.76
CA ILE A 81 13.37 -22.12 -18.47
C ILE A 81 11.99 -21.52 -18.68
N ASP A 82 10.97 -22.17 -18.11
CA ASP A 82 9.61 -21.65 -18.13
C ASP A 82 9.27 -20.91 -16.85
N VAL A 83 9.77 -21.39 -15.71
CA VAL A 83 9.45 -20.85 -14.39
C VAL A 83 10.75 -20.69 -13.61
N LEU A 84 10.99 -19.50 -13.06
CA LEU A 84 12.14 -19.25 -12.20
C LEU A 84 11.63 -18.76 -10.85
N PHE A 85 11.92 -19.51 -9.79
CA PHE A 85 11.50 -19.16 -8.42
C PHE A 85 12.78 -18.83 -7.66
N ALA A 86 13.05 -17.53 -7.50
CA ALA A 86 14.24 -17.04 -6.81
C ALA A 86 13.91 -16.96 -5.33
N ASN A 87 14.20 -18.04 -4.61
CA ASN A 87 13.70 -18.25 -3.25
C ASN A 87 14.79 -18.28 -2.19
N SER A 88 16.07 -18.24 -2.55
CA SER A 88 17.13 -18.31 -1.55
C SER A 88 17.15 -17.02 -0.72
N GLY A 89 17.26 -17.18 0.60
CA GLY A 89 17.30 -16.04 1.50
C GLY A 89 17.48 -16.53 2.93
N ALA A 90 17.78 -15.58 3.82
CA ALA A 90 18.06 -15.92 5.21
C ALA A 90 17.85 -14.69 6.09
N VAL A 91 17.34 -14.92 7.29
CA VAL A 91 17.07 -13.86 8.27
C VAL A 91 18.01 -14.00 9.46
N GLU A 92 18.66 -12.90 9.83
CA GLU A 92 19.41 -12.79 11.08
C GLU A 92 18.93 -11.56 11.83
N GLN A 93 18.57 -11.73 13.10
CA GLN A 93 18.00 -10.63 13.88
C GLN A 93 19.12 -9.80 14.50
N LYS A 94 19.11 -8.50 14.21
CA LYS A 94 20.02 -7.52 14.81
C LYS A 94 19.30 -6.19 14.88
N THR A 95 19.37 -5.51 16.03
CA THR A 95 18.83 -4.16 16.13
C THR A 95 19.76 -3.18 15.43
N LEU A 96 19.27 -1.96 15.23
CA LEU A 96 20.08 -0.93 14.58
C LEU A 96 21.41 -0.75 15.29
N GLU A 97 21.39 -0.69 16.63
CA GLU A 97 22.62 -0.53 17.38
C GLU A 97 23.59 -1.69 17.17
N GLU A 98 23.06 -2.88 16.88
CA GLU A 98 23.88 -4.08 16.77
C GLU A 98 24.46 -4.30 15.38
N ILE A 99 23.94 -3.61 14.37
CA ILE A 99 24.32 -3.91 12.99
C ILE A 99 25.81 -3.69 12.78
N THR A 100 26.47 -4.70 12.20
CA THR A 100 27.84 -4.63 11.75
C THR A 100 27.89 -4.62 10.22
N PRO A 101 28.98 -4.14 9.62
CA PRO A 101 29.11 -4.24 8.16
C PRO A 101 28.98 -5.66 7.67
N GLU A 102 29.51 -6.62 8.43
CA GLU A 102 29.43 -8.02 8.04
C GLU A 102 28.00 -8.54 8.06
N HIS A 103 27.23 -8.17 9.10
CA HIS A 103 25.82 -8.55 9.15
C HIS A 103 25.05 -7.97 7.98
N TYR A 104 25.24 -6.68 7.70
CA TYR A 104 24.59 -6.06 6.56
C TYR A 104 24.95 -6.78 5.27
N ASP A 105 26.24 -7.02 5.06
CA ASP A 105 26.70 -7.62 3.81
C ASP A 105 26.12 -9.03 3.63
N ARG A 106 26.10 -9.83 4.70
CA ARG A 106 25.54 -11.17 4.59
C ARG A 106 24.07 -11.13 4.18
N THR A 107 23.31 -10.21 4.79
CA THR A 107 21.88 -10.13 4.51
C THR A 107 21.61 -9.69 3.07
N PHE A 108 22.23 -8.59 2.63
CA PHE A 108 21.95 -8.12 1.29
C PHE A 108 22.62 -8.98 0.22
N ASP A 109 23.74 -9.65 0.54
CA ASP A 109 24.38 -10.47 -0.48
C ASP A 109 23.50 -11.61 -0.93
N VAL A 110 22.81 -12.27 0.00
CA VAL A 110 21.98 -13.42 -0.37
C VAL A 110 20.59 -12.97 -0.80
N ASN A 111 20.00 -11.98 -0.12
CA ASN A 111 18.62 -11.62 -0.38
C ASN A 111 18.46 -10.71 -1.60
N VAL A 112 19.44 -9.87 -1.89
CA VAL A 112 19.29 -8.89 -2.96
C VAL A 112 20.33 -9.11 -4.06
N ARG A 113 21.61 -9.06 -3.72
CA ARG A 113 22.66 -9.24 -4.73
C ARG A 113 22.51 -10.57 -5.45
N GLY A 114 22.46 -11.66 -4.70
CA GLY A 114 22.32 -12.97 -5.32
C GLY A 114 21.02 -13.11 -6.10
N LEU A 115 19.96 -12.46 -5.65
CA LEU A 115 18.69 -12.52 -6.36
C LEU A 115 18.79 -11.82 -7.71
N ILE A 116 19.40 -10.63 -7.75
CA ILE A 116 19.57 -9.90 -8.99
C ILE A 116 20.32 -10.74 -10.02
N PHE A 117 21.44 -11.33 -9.61
CA PHE A 117 22.25 -12.06 -10.58
C PHE A 117 21.68 -13.43 -10.90
N THR A 118 20.89 -14.02 -9.99
CA THR A 118 20.14 -15.22 -10.34
C THR A 118 19.21 -14.96 -11.51
N VAL A 119 18.48 -13.84 -11.47
CA VAL A 119 17.54 -13.54 -12.54
C VAL A 119 18.28 -13.05 -13.79
N GLN A 120 19.28 -12.18 -13.60
CA GLN A 120 20.08 -11.71 -14.73
C GLN A 120 20.61 -12.87 -15.55
N LYS A 121 21.22 -13.84 -14.89
CA LYS A 121 21.87 -14.91 -15.64
C LYS A 121 20.87 -15.92 -16.19
N ALA A 122 19.62 -15.88 -15.73
CA ALA A 122 18.59 -16.73 -16.29
C ALA A 122 17.99 -16.17 -17.58
N LEU A 123 18.17 -14.88 -17.85
CA LEU A 123 17.51 -14.26 -19.00
C LEU A 123 17.74 -14.95 -20.34
N PRO A 124 18.95 -15.37 -20.72
CA PRO A 124 19.10 -16.02 -22.03
C PRO A 124 18.27 -17.29 -22.19
N LEU A 125 18.00 -17.99 -21.10
CA LEU A 125 17.26 -19.25 -21.15
C LEU A 125 15.77 -19.08 -20.92
N LEU A 126 15.36 -17.99 -20.29
CA LEU A 126 13.94 -17.77 -20.01
C LEU A 126 13.16 -17.65 -21.31
N ARG A 127 12.11 -18.45 -21.44
CA ARG A 127 11.27 -18.38 -22.62
C ARG A 127 10.35 -17.17 -22.56
N ASP A 128 10.04 -16.62 -23.73
CA ASP A 128 8.99 -15.61 -23.82
C ASP A 128 7.70 -16.17 -23.21
N GLY A 129 7.03 -15.34 -22.41
CA GLY A 129 5.86 -15.81 -21.69
C GLY A 129 6.17 -16.54 -20.40
N GLY A 130 7.43 -16.63 -20.00
CA GLY A 130 7.80 -17.30 -18.78
C GLY A 130 7.32 -16.54 -17.55
N SER A 131 7.57 -17.15 -16.40
CA SER A 131 7.09 -16.61 -15.13
C SER A 131 8.23 -16.64 -14.11
N VAL A 132 8.48 -15.49 -13.48
CA VAL A 132 9.52 -15.35 -12.48
C VAL A 132 8.84 -14.98 -11.17
N ILE A 133 9.15 -15.71 -10.09
CA ILE A 133 8.60 -15.46 -8.77
C ILE A 133 9.74 -15.12 -7.82
N LEU A 134 9.63 -13.99 -7.15
CA LEU A 134 10.60 -13.56 -6.15
C LEU A 134 10.01 -13.74 -4.76
N THR A 135 10.84 -14.22 -3.82
CA THR A 135 10.41 -14.37 -2.44
C THR A 135 10.72 -13.10 -1.67
N SER A 136 9.69 -12.32 -1.37
CA SER A 136 9.81 -11.19 -0.45
C SER A 136 9.42 -11.67 0.93
N SER A 137 8.63 -10.89 1.67
CA SER A 137 8.21 -11.26 3.01
C SER A 137 7.23 -10.22 3.52
N VAL A 138 6.35 -10.63 4.44
CA VAL A 138 5.56 -9.63 5.16
C VAL A 138 6.48 -8.63 5.85
N ALA A 139 7.70 -9.04 6.20
CA ALA A 139 8.64 -8.12 6.86
C ALA A 139 8.89 -6.89 6.00
N GLY A 140 8.77 -7.02 4.68
CA GLY A 140 9.00 -5.91 3.76
C GLY A 140 8.00 -4.78 3.88
N VAL A 141 6.90 -4.95 4.63
CA VAL A 141 5.92 -3.88 4.80
C VAL A 141 5.62 -3.64 6.28
N LEU A 142 6.44 -4.20 7.16
CA LEU A 142 6.22 -4.11 8.60
C LEU A 142 7.42 -3.47 9.29
N GLY A 143 7.23 -3.11 10.56
CA GLY A 143 8.33 -2.59 11.37
C GLY A 143 8.63 -3.52 12.52
N LEU A 144 9.40 -4.58 12.24
CA LEU A 144 9.63 -5.65 13.20
C LEU A 144 10.95 -5.43 13.93
N GLN A 145 10.91 -5.44 15.26
CA GLN A 145 12.10 -5.31 16.09
C GLN A 145 13.21 -6.22 15.61
N ALA A 146 14.41 -5.65 15.42
CA ALA A 146 15.64 -6.37 15.10
C ALA A 146 15.62 -7.03 13.73
N HIS A 147 14.71 -6.64 12.85
CA HIS A 147 14.68 -7.13 11.47
C HIS A 147 15.16 -6.08 10.48
N ASP A 148 16.02 -5.14 10.91
CA ASP A 148 16.36 -3.97 10.10
C ASP A 148 16.80 -4.34 8.69
N THR A 149 17.88 -5.13 8.58
CA THR A 149 18.44 -5.42 7.27
C THR A 149 17.58 -6.41 6.49
N TYR A 150 17.01 -7.41 7.17
CA TYR A 150 16.19 -8.41 6.47
C TYR A 150 14.95 -7.78 5.86
N SER A 151 14.21 -6.99 6.64
CA SER A 151 13.02 -6.32 6.14
C SER A 151 13.36 -5.38 4.97
N ALA A 152 14.41 -4.58 5.13
CA ALA A 152 14.81 -3.67 4.06
C ALA A 152 15.20 -4.45 2.81
N ALA A 153 15.91 -5.57 2.99
CA ALA A 153 16.29 -6.40 1.85
C ALA A 153 15.07 -6.98 1.14
N LYS A 154 14.08 -7.45 1.91
CA LYS A 154 12.90 -8.02 1.27
C LYS A 154 12.03 -6.95 0.62
N ALA A 155 12.05 -5.72 1.14
CA ALA A 155 11.39 -4.63 0.43
C ALA A 155 12.05 -4.37 -0.92
N ALA A 156 13.39 -4.43 -0.96
CA ALA A 156 14.11 -4.29 -2.21
C ALA A 156 13.70 -5.37 -3.21
N VAL A 157 13.48 -6.58 -2.72
CA VAL A 157 13.08 -7.69 -3.59
C VAL A 157 11.74 -7.38 -4.25
N ARG A 158 10.77 -6.89 -3.46
CA ARG A 158 9.47 -6.59 -4.01
C ARG A 158 9.55 -5.50 -5.09
N SER A 159 10.39 -4.48 -4.86
CA SER A 159 10.59 -3.44 -5.86
C SER A 159 11.08 -4.01 -7.18
N LEU A 160 11.99 -4.98 -7.13
CA LEU A 160 12.53 -5.54 -8.37
C LEU A 160 11.45 -6.23 -9.21
N ALA A 161 10.43 -6.80 -8.58
CA ALA A 161 9.35 -7.38 -9.37
C ALA A 161 8.66 -6.32 -10.22
N ARG A 162 8.54 -5.10 -9.68
CA ARG A 162 7.98 -4.00 -10.45
C ARG A 162 8.89 -3.62 -11.61
N THR A 163 10.17 -3.38 -11.32
CA THR A 163 11.10 -2.95 -12.36
C THR A 163 11.22 -4.00 -13.47
N TRP A 164 11.34 -5.27 -13.08
CA TRP A 164 11.53 -6.30 -14.09
C TRP A 164 10.25 -6.57 -14.89
N THR A 165 9.08 -6.33 -14.30
CA THR A 165 7.85 -6.33 -15.09
C THR A 165 7.95 -5.36 -16.26
N THR A 166 8.42 -4.15 -16.00
CA THR A 166 8.56 -3.15 -17.06
C THR A 166 9.64 -3.55 -18.05
N GLU A 167 10.78 -4.01 -17.57
CA GLU A 167 11.91 -4.26 -18.47
C GLU A 167 11.70 -5.49 -19.33
N LEU A 168 10.96 -6.48 -18.84
CA LEU A 168 10.79 -7.74 -19.55
C LEU A 168 9.45 -7.86 -20.25
N LYS A 169 8.65 -6.77 -20.27
CA LYS A 169 7.34 -6.85 -20.87
C LYS A 169 7.41 -7.14 -22.37
N GLY A 170 8.50 -6.72 -23.03
CA GLY A 170 8.65 -7.00 -24.45
C GLY A 170 8.74 -8.49 -24.75
N ARG A 171 9.21 -9.27 -23.79
CA ARG A 171 9.28 -10.72 -23.91
C ARG A 171 8.10 -11.40 -23.25
N SER A 172 7.12 -10.63 -22.78
CA SER A 172 5.91 -11.16 -22.13
C SER A 172 6.27 -12.02 -20.92
N ILE A 173 7.40 -11.75 -20.28
CA ILE A 173 7.79 -12.46 -19.07
C ILE A 173 7.17 -11.74 -17.88
N ARG A 174 6.39 -12.48 -17.10
CA ARG A 174 5.76 -11.93 -15.91
C ARG A 174 6.68 -12.11 -14.71
N VAL A 175 6.79 -11.07 -13.88
CA VAL A 175 7.59 -11.10 -12.67
C VAL A 175 6.70 -10.68 -11.51
N ASN A 176 6.62 -11.53 -10.48
CA ASN A 176 5.75 -11.31 -9.34
C ASN A 176 6.47 -11.67 -8.07
N ALA A 177 6.12 -11.00 -6.97
CA ALA A 177 6.68 -11.27 -5.66
C ALA A 177 5.66 -12.01 -4.81
N VAL A 178 6.13 -13.03 -4.08
CA VAL A 178 5.33 -13.66 -3.03
C VAL A 178 5.89 -13.22 -1.68
N SER A 179 4.98 -12.84 -0.77
CA SER A 179 5.36 -12.34 0.55
C SER A 179 4.76 -13.25 1.61
N PRO A 180 5.49 -14.27 2.04
CA PRO A 180 4.97 -15.18 3.07
C PRO A 180 4.88 -14.49 4.42
N GLY A 181 3.87 -14.90 5.19
CA GLY A 181 3.82 -14.64 6.61
C GLY A 181 4.63 -15.69 7.35
N ALA A 182 4.16 -16.06 8.54
CA ALA A 182 4.83 -17.11 9.30
C ALA A 182 4.54 -18.47 8.67
N ILE A 183 5.58 -19.13 8.18
CA ILE A 183 5.46 -20.45 7.56
C ILE A 183 6.27 -21.43 8.40
N ASP A 184 5.69 -22.60 8.64
CA ASP A 184 6.29 -23.64 9.48
C ASP A 184 7.42 -24.34 8.74
N THR A 185 8.61 -23.76 8.82
CA THR A 185 9.82 -24.26 8.18
C THR A 185 10.93 -24.27 9.21
N PRO A 186 12.10 -24.85 8.88
CA PRO A 186 13.24 -24.77 9.81
C PRO A 186 13.80 -23.36 9.99
N SER A 187 13.23 -22.35 9.34
CA SER A 187 13.75 -20.99 9.45
C SER A 187 13.21 -20.25 10.66
N LEU A 188 11.95 -20.50 11.04
CA LEU A 188 11.39 -19.88 12.24
C LEU A 188 12.19 -20.24 13.48
N GLU A 189 12.78 -21.43 13.51
CA GLU A 189 13.52 -21.91 14.68
C GLU A 189 14.99 -21.53 14.65
N ASN A 190 15.51 -21.11 13.49
CA ASN A 190 16.93 -20.79 13.36
C ASN A 190 17.27 -19.36 13.77
N GLN A 191 16.29 -18.45 13.76
CA GLN A 191 16.55 -17.08 14.16
C GLN A 191 16.47 -16.86 15.67
N VAL A 192 16.03 -17.86 16.42
CA VAL A 192 15.95 -17.79 17.87
C VAL A 192 17.00 -18.71 18.46
N SER A 193 17.23 -18.56 19.77
CA SER A 193 18.31 -19.26 20.47
C SER A 193 17.83 -20.41 21.33
N THR A 194 16.52 -20.59 21.46
CA THR A 194 15.96 -21.68 22.25
C THR A 194 14.59 -22.01 21.69
N GLN A 195 14.16 -23.26 21.91
CA GLN A 195 12.88 -23.69 21.37
C GLN A 195 11.71 -23.27 22.26
N GLU A 196 12.00 -22.85 23.50
CA GLU A 196 11.01 -22.10 24.26
C GLU A 196 10.77 -20.74 23.63
N GLU A 197 11.79 -20.14 23.01
CA GLU A 197 11.62 -18.94 22.21
C GLU A 197 10.89 -19.24 20.90
N ALA A 198 11.21 -20.37 20.27
CA ALA A 198 10.60 -20.70 18.97
C ALA A 198 9.11 -20.96 19.13
N ASP A 199 8.71 -21.59 20.24
CA ASP A 199 7.29 -21.79 20.49
C ASP A 199 6.60 -20.48 20.85
N GLU A 200 7.32 -19.55 21.46
CA GLU A 200 6.77 -18.22 21.70
C GLU A 200 6.55 -17.47 20.38
N LEU A 201 7.58 -17.44 19.54
CA LEU A 201 7.47 -16.79 18.24
C LEU A 201 6.34 -17.39 17.40
N ARG A 202 6.13 -18.69 17.52
CA ARG A 202 5.09 -19.33 16.72
C ARG A 202 3.70 -18.97 17.24
N ALA A 203 3.42 -19.20 18.53
CA ALA A 203 2.07 -18.90 19.00
C ALA A 203 1.76 -17.41 19.05
N LYS A 204 2.81 -16.60 18.90
CA LYS A 204 2.64 -15.13 18.80
C LYS A 204 2.21 -14.83 17.36
N ALA A 205 2.87 -15.49 16.40
CA ALA A 205 2.51 -15.33 15.00
C ALA A 205 1.11 -15.86 14.74
N ALA A 206 0.75 -16.99 15.37
CA ALA A 206 -0.60 -17.51 15.22
C ALA A 206 -1.64 -16.58 15.84
N ALA A 207 -1.26 -15.86 16.90
CA ALA A 207 -2.22 -14.97 17.56
C ALA A 207 -2.43 -13.67 16.79
N ALA A 208 -1.42 -13.22 16.05
CA ALA A 208 -1.51 -11.98 15.29
C ALA A 208 -2.11 -12.17 13.90
N THR A 209 -2.30 -13.41 13.48
CA THR A 209 -2.79 -13.76 12.15
C THR A 209 -4.25 -14.12 12.21
N PRO A 210 -5.11 -13.51 11.38
CA PRO A 210 -6.54 -13.84 11.42
C PRO A 210 -6.84 -15.33 11.33
N LEU A 211 -6.16 -16.06 10.45
CA LEU A 211 -6.43 -17.50 10.36
C LEU A 211 -5.97 -18.26 11.60
N GLY A 212 -5.23 -17.62 12.51
CA GLY A 212 -4.96 -18.19 13.82
C GLY A 212 -3.93 -19.29 13.86
N ARG A 213 -3.05 -19.38 12.87
CA ARG A 213 -2.06 -20.44 12.81
C ARG A 213 -0.93 -20.01 11.88
N VAL A 214 0.21 -20.68 12.02
CA VAL A 214 1.26 -20.54 11.02
C VAL A 214 0.87 -21.29 9.75
N GLY A 215 1.43 -20.86 8.63
CA GLY A 215 1.15 -21.52 7.37
C GLY A 215 2.01 -22.76 7.18
N ARG A 216 1.49 -23.68 6.38
CA ARG A 216 2.27 -24.85 6.01
C ARG A 216 3.08 -24.56 4.75
N PRO A 217 4.27 -25.14 4.62
CA PRO A 217 5.06 -24.91 3.40
C PRO A 217 4.32 -25.25 2.14
N GLU A 218 3.46 -26.29 2.18
CA GLU A 218 2.69 -26.65 1.00
C GLU A 218 1.72 -25.55 0.60
N GLU A 219 1.29 -24.73 1.56
CA GLU A 219 0.38 -23.63 1.25
C GLU A 219 1.11 -22.52 0.51
N LEU A 220 2.35 -22.23 0.88
CA LEU A 220 3.12 -21.25 0.12
C LEU A 220 3.45 -21.81 -1.26
N ALA A 221 3.80 -23.10 -1.33
CA ALA A 221 4.04 -23.73 -2.62
C ALA A 221 2.85 -23.59 -3.54
N ALA A 222 1.63 -23.71 -3.00
CA ALA A 222 0.44 -23.62 -3.84
C ALA A 222 0.25 -22.21 -4.38
N ALA A 223 0.59 -21.20 -3.58
CA ALA A 223 0.49 -19.83 -4.06
C ALA A 223 1.54 -19.55 -5.12
N VAL A 224 2.75 -20.06 -4.93
CA VAL A 224 3.79 -19.92 -5.94
C VAL A 224 3.38 -20.63 -7.22
N LEU A 225 2.71 -21.79 -7.08
CA LEU A 225 2.20 -22.47 -8.26
C LEU A 225 1.24 -21.60 -9.05
N PHE A 226 0.36 -20.86 -8.37
CA PHE A 226 -0.53 -19.94 -9.07
C PHE A 226 0.24 -18.99 -9.96
N LEU A 227 1.27 -18.34 -9.39
CA LEU A 227 2.07 -17.39 -10.15
C LEU A 227 2.88 -18.08 -11.25
N ALA A 228 3.29 -19.33 -11.03
CA ALA A 228 4.04 -20.05 -12.06
C ALA A 228 3.14 -20.51 -13.19
N SER A 229 1.87 -20.80 -12.91
CA SER A 229 0.95 -21.41 -13.85
C SER A 229 0.29 -20.37 -14.74
N ASP A 230 -0.38 -20.85 -15.79
CA ASP A 230 -1.11 -19.96 -16.69
C ASP A 230 -2.33 -19.32 -16.02
N ASP A 231 -2.75 -19.80 -14.85
CA ASP A 231 -3.86 -19.18 -14.14
C ASP A 231 -3.59 -17.71 -13.85
N SER A 232 -2.33 -17.33 -13.75
CA SER A 232 -1.95 -15.95 -13.44
C SER A 232 -1.43 -15.21 -14.68
N SER A 233 -1.88 -15.62 -15.87
CA SER A 233 -1.33 -15.07 -17.09
C SER A 233 -1.60 -13.58 -17.26
N TYR A 234 -2.54 -13.01 -16.51
CA TYR A 234 -2.75 -11.57 -16.52
C TYR A 234 -2.35 -10.92 -15.18
N VAL A 235 -1.47 -11.58 -14.43
CA VAL A 235 -0.99 -11.08 -13.14
C VAL A 235 0.49 -10.75 -13.29
N ALA A 236 0.84 -9.48 -13.05
CA ALA A 236 2.21 -9.03 -13.29
C ALA A 236 2.59 -7.96 -12.29
N GLY A 237 3.79 -8.07 -11.72
CA GLY A 237 4.34 -7.06 -10.84
C GLY A 237 3.77 -7.04 -9.44
N ILE A 238 2.91 -7.98 -9.06
CA ILE A 238 2.17 -7.87 -7.82
C ILE A 238 2.99 -8.32 -6.62
N GLU A 239 2.49 -8.03 -5.43
CA GLU A 239 2.96 -8.62 -4.19
C GLU A 239 1.83 -9.46 -3.63
N LEU A 240 1.99 -10.78 -3.70
CA LEU A 240 0.97 -11.72 -3.25
C LEU A 240 1.28 -12.07 -1.80
N PHE A 241 0.48 -11.52 -0.87
CA PHE A 241 0.66 -11.87 0.53
C PHE A 241 0.05 -13.24 0.82
N VAL A 242 0.84 -14.10 1.43
CA VAL A 242 0.40 -15.43 1.84
C VAL A 242 0.69 -15.53 3.33
N ASP A 243 -0.18 -14.93 4.13
CA ASP A 243 0.15 -14.68 5.52
C ASP A 243 -1.06 -14.85 6.44
N GLY A 244 -2.09 -15.54 5.99
CA GLY A 244 -3.28 -15.73 6.80
C GLY A 244 -3.97 -14.45 7.21
N GLY A 245 -3.70 -13.35 6.50
CA GLY A 245 -4.33 -12.08 6.79
C GLY A 245 -3.51 -11.13 7.64
N LEU A 246 -2.30 -11.52 8.04
CA LEU A 246 -1.51 -10.76 9.02
C LEU A 246 -1.37 -9.29 8.65
N THR A 247 -0.93 -9.00 7.42
CA THR A 247 -0.67 -7.64 6.99
C THR A 247 -1.90 -6.93 6.44
N GLN A 248 -3.03 -7.63 6.36
CA GLN A 248 -4.19 -7.14 5.64
C GLN A 248 -5.27 -6.57 6.54
N VAL A 249 -5.15 -6.73 7.86
CA VAL A 249 -6.19 -6.26 8.78
C VAL A 249 -5.61 -5.30 9.80
N MET B 1 9.34 31.35 10.40
CA MET B 1 10.54 31.28 11.23
C MET B 1 10.20 30.70 12.61
N TYR B 2 11.24 30.40 13.38
CA TYR B 2 11.19 29.81 14.71
C TYR B 2 10.67 28.39 14.75
N ARG B 3 10.31 27.77 13.62
CA ARG B 3 9.65 26.48 13.71
C ARG B 3 10.62 25.35 14.05
N LEU B 4 11.93 25.62 13.99
CA LEU B 4 12.96 24.71 14.46
C LEU B 4 13.91 25.45 15.40
N LEU B 5 13.41 26.43 16.14
CA LEU B 5 14.27 27.32 16.91
C LEU B 5 15.18 26.56 17.85
N ASN B 6 16.48 26.80 17.71
CA ASN B 6 17.55 26.26 18.56
C ASN B 6 17.71 24.75 18.42
N LYS B 7 17.06 24.14 17.44
CA LYS B 7 17.27 22.72 17.21
C LYS B 7 18.54 22.50 16.42
N THR B 8 19.22 21.39 16.69
CA THR B 8 20.44 21.02 15.98
C THR B 8 20.07 19.97 14.92
N ALA B 9 20.38 20.26 13.67
CA ALA B 9 20.06 19.40 12.55
C ALA B 9 21.32 18.98 11.82
N VAL B 10 21.36 17.71 11.41
CA VAL B 10 22.41 17.17 10.56
C VAL B 10 21.77 16.73 9.26
N ILE B 11 22.31 17.20 8.14
CA ILE B 11 21.76 16.91 6.83
C ILE B 11 22.88 16.31 5.97
N THR B 12 22.81 15.02 5.69
CA THR B 12 23.76 14.47 4.74
C THR B 12 23.29 14.78 3.32
N GLY B 13 24.25 15.00 2.43
CA GLY B 13 23.92 15.55 1.13
C GLY B 13 23.45 16.99 1.19
N GLY B 14 23.94 17.75 2.16
CA GLY B 14 23.44 19.11 2.33
C GLY B 14 24.15 20.17 1.50
N ASN B 15 25.06 19.79 0.60
CA ASN B 15 25.78 20.78 -0.18
C ASN B 15 25.16 21.02 -1.56
N SER B 16 24.06 20.35 -1.89
CA SER B 16 23.45 20.52 -3.19
C SER B 16 21.98 20.14 -3.13
N GLY B 17 21.25 20.56 -4.17
CA GLY B 17 19.89 20.09 -4.40
C GLY B 17 18.96 20.21 -3.21
N ILE B 18 18.29 19.10 -2.91
CA ILE B 18 17.26 19.06 -1.89
C ILE B 18 17.85 19.28 -0.51
N GLY B 19 19.01 18.66 -0.23
CA GLY B 19 19.65 18.85 1.05
C GLY B 19 20.00 20.30 1.32
N LEU B 20 20.48 21.00 0.29
CA LEU B 20 20.82 22.41 0.45
C LEU B 20 19.57 23.26 0.64
N ALA B 21 18.52 23.02 -0.14
CA ALA B 21 17.29 23.78 0.04
C ALA B 21 16.72 23.56 1.43
N THR B 22 16.83 22.33 1.94
CA THR B 22 16.38 22.02 3.29
C THR B 22 17.25 22.72 4.34
N ALA B 23 18.58 22.71 4.15
CA ALA B 23 19.45 23.44 5.05
C ALA B 23 19.06 24.91 5.13
N LYS B 24 18.77 25.55 3.99
CA LYS B 24 18.38 26.95 3.99
C LYS B 24 17.08 27.16 4.75
N ARG B 25 16.09 26.31 4.49
CA ARG B 25 14.81 26.44 5.19
C ARG B 25 14.98 26.21 6.69
N PHE B 26 15.77 25.20 7.08
CA PHE B 26 15.99 24.92 8.49
C PHE B 26 16.60 26.13 9.20
N VAL B 27 17.63 26.74 8.60
CA VAL B 27 18.25 27.91 9.22
C VAL B 27 17.26 29.05 9.30
N ALA B 28 16.42 29.21 8.26
CA ALA B 28 15.40 30.24 8.30
C ALA B 28 14.41 30.00 9.43
N GLU B 29 14.26 28.74 9.85
CA GLU B 29 13.35 28.39 10.94
C GLU B 29 14.05 28.36 12.29
N GLY B 30 15.30 28.83 12.38
CA GLY B 30 15.96 28.97 13.65
C GLY B 30 16.88 27.84 14.06
N ALA B 31 17.09 26.85 13.20
CA ALA B 31 17.94 25.72 13.54
C ALA B 31 19.41 26.04 13.28
N TYR B 32 20.29 25.29 13.94
CA TYR B 32 21.70 25.21 13.57
C TYR B 32 21.91 23.93 12.78
N VAL B 33 22.56 24.05 11.62
CA VAL B 33 22.61 22.96 10.65
C VAL B 33 24.07 22.55 10.41
N PHE B 34 24.32 21.25 10.44
CA PHE B 34 25.54 20.67 9.86
C PHE B 34 25.18 20.13 8.49
N ILE B 35 25.83 20.62 7.45
CA ILE B 35 25.67 20.04 6.11
C ILE B 35 26.87 19.15 5.84
N VAL B 36 26.60 17.97 5.28
CA VAL B 36 27.60 16.92 5.13
C VAL B 36 27.66 16.50 3.67
N GLY B 37 28.89 16.34 3.16
CA GLY B 37 29.11 15.92 1.79
C GLY B 37 30.58 15.59 1.62
N ARG B 38 30.93 15.17 0.40
CA ARG B 38 32.32 14.77 0.16
C ARG B 38 33.17 15.89 -0.41
N ARG B 39 32.57 16.85 -1.11
CA ARG B 39 33.32 17.89 -1.78
C ARG B 39 33.38 19.13 -0.89
N ARG B 40 34.59 19.58 -0.58
CA ARG B 40 34.76 20.69 0.36
C ARG B 40 34.43 22.01 -0.29
N LYS B 41 34.85 22.21 -1.55
CA LYS B 41 34.53 23.47 -2.23
C LYS B 41 33.03 23.67 -2.31
N GLU B 42 32.29 22.62 -2.65
CA GLU B 42 30.84 22.76 -2.74
C GLU B 42 30.22 22.95 -1.37
N LEU B 43 30.78 22.29 -0.35
CA LEU B 43 30.32 22.52 1.02
C LEU B 43 30.56 23.96 1.45
N GLU B 44 31.73 24.51 1.11
CA GLU B 44 32.03 25.88 1.51
C GLU B 44 31.11 26.87 0.82
N GLN B 45 30.85 26.65 -0.47
CA GLN B 45 29.95 27.55 -1.20
C GLN B 45 28.52 27.42 -0.72
N ALA B 46 28.08 26.19 -0.41
CA ALA B 46 26.74 26.00 0.14
C ALA B 46 26.60 26.68 1.48
N ALA B 47 27.58 26.48 2.37
CA ALA B 47 27.53 27.13 3.67
C ALA B 47 27.50 28.63 3.55
N ALA B 48 28.23 29.18 2.56
CA ALA B 48 28.19 30.63 2.33
C ALA B 48 26.82 31.08 1.85
N GLU B 49 26.16 30.26 1.02
CA GLU B 49 24.81 30.60 0.59
C GLU B 49 23.84 30.55 1.75
N ILE B 50 24.01 29.60 2.66
CA ILE B 50 23.15 29.51 3.84
C ILE B 50 23.37 30.73 4.74
N GLY B 51 24.61 31.13 4.95
CA GLY B 51 24.94 32.43 5.51
C GLY B 51 25.14 32.51 7.01
N ARG B 52 24.51 31.62 7.77
CA ARG B 52 24.60 31.70 9.23
C ARG B 52 24.20 30.37 9.83
N ASN B 53 24.65 30.13 11.05
CA ASN B 53 24.26 28.97 11.85
C ASN B 53 24.45 27.65 11.10
N VAL B 54 25.59 27.53 10.40
CA VAL B 54 25.87 26.34 9.61
C VAL B 54 27.34 25.97 9.77
N THR B 55 27.60 24.68 9.91
CA THR B 55 28.94 24.10 9.85
C THR B 55 28.96 23.06 8.74
N ALA B 56 29.88 23.22 7.80
CA ALA B 56 30.10 22.21 6.76
C ALA B 56 31.09 21.17 7.25
N VAL B 57 30.77 19.89 7.02
CA VAL B 57 31.61 18.77 7.44
C VAL B 57 31.83 17.87 6.23
N LYS B 58 33.10 17.67 5.87
CA LYS B 58 33.44 16.72 4.82
C LYS B 58 33.33 15.29 5.34
N ALA B 59 32.52 14.47 4.67
CA ALA B 59 32.36 13.08 5.08
C ALA B 59 31.76 12.29 3.93
N ASP B 60 32.34 11.13 3.66
CA ASP B 60 31.74 10.13 2.77
C ASP B 60 30.95 9.18 3.64
N VAL B 61 29.62 9.18 3.48
CA VAL B 61 28.77 8.37 4.35
C VAL B 61 29.02 6.87 4.16
N THR B 62 29.66 6.47 3.07
CA THR B 62 30.00 5.06 2.90
C THR B 62 31.22 4.65 3.70
N LYS B 63 31.90 5.58 4.36
CA LYS B 63 33.09 5.29 5.15
C LYS B 63 32.77 5.47 6.63
N LEU B 64 32.85 4.37 7.40
CA LEU B 64 32.49 4.41 8.81
C LEU B 64 33.35 5.42 9.56
N GLU B 65 34.63 5.54 9.19
CA GLU B 65 35.51 6.43 9.91
C GLU B 65 35.17 7.89 9.65
N ASP B 66 34.58 8.21 8.49
CA ASP B 66 34.13 9.57 8.25
C ASP B 66 32.89 9.91 9.07
N LEU B 67 32.01 8.92 9.28
CA LEU B 67 30.84 9.16 10.11
C LEU B 67 31.24 9.35 11.57
N ASP B 68 32.20 8.57 12.06
CA ASP B 68 32.70 8.79 13.41
C ASP B 68 33.26 10.20 13.58
N ARG B 69 34.03 10.66 12.59
CA ARG B 69 34.58 12.02 12.64
C ARG B 69 33.48 13.07 12.60
N LEU B 70 32.49 12.88 11.73
CA LEU B 70 31.34 13.79 11.67
C LEU B 70 30.70 13.97 13.05
N TYR B 71 30.39 12.87 13.72
CA TYR B 71 29.68 12.97 14.99
C TYR B 71 30.58 13.41 16.13
N ALA B 72 31.89 13.24 16.01
CA ALA B 72 32.80 13.85 16.97
C ALA B 72 32.73 15.37 16.86
N ILE B 73 32.64 15.89 15.63
CA ILE B 73 32.50 17.34 15.42
C ILE B 73 31.17 17.83 15.94
N VAL B 74 30.08 17.12 15.60
CA VAL B 74 28.77 17.52 16.12
C VAL B 74 28.80 17.54 17.64
N ARG B 75 29.45 16.54 18.25
CA ARG B 75 29.55 16.53 19.71
C ARG B 75 30.34 17.73 20.22
N GLU B 76 31.45 18.08 19.56
CA GLU B 76 32.23 19.26 19.99
C GLU B 76 31.42 20.53 19.90
N GLN B 77 30.77 20.76 18.77
CA GLN B 77 30.20 22.07 18.49
C GLN B 77 28.82 22.26 19.08
N ARG B 78 28.00 21.21 19.13
CA ARG B 78 26.62 21.38 19.57
C ARG B 78 26.17 20.41 20.65
N GLY B 79 26.78 19.23 20.78
CA GLY B 79 26.52 18.37 21.90
C GLY B 79 25.39 17.38 21.72
N SER B 80 24.52 17.59 20.74
CA SER B 80 23.35 16.73 20.55
C SER B 80 22.76 17.00 19.18
N ILE B 81 21.85 16.13 18.76
CA ILE B 81 21.14 16.24 17.49
C ILE B 81 19.65 16.16 17.77
N ASP B 82 18.90 17.11 17.23
CA ASP B 82 17.44 17.09 17.31
C ASP B 82 16.78 16.55 16.04
N VAL B 83 17.35 16.86 14.88
CA VAL B 83 16.80 16.48 13.59
C VAL B 83 17.93 15.88 12.76
N LEU B 84 17.69 14.71 12.17
CA LEU B 84 18.63 14.07 11.27
C LEU B 84 17.92 13.84 9.93
N PHE B 85 18.46 14.43 8.87
CA PHE B 85 17.92 14.26 7.52
C PHE B 85 18.97 13.51 6.70
N ALA B 86 18.74 12.21 6.52
CA ALA B 86 19.65 11.34 5.78
C ALA B 86 19.27 11.39 4.31
N ASN B 87 19.93 12.29 3.58
CA ASN B 87 19.55 12.65 2.23
C ASN B 87 20.62 12.28 1.19
N SER B 88 21.77 11.77 1.62
CA SER B 88 22.79 11.43 0.65
C SER B 88 22.34 10.22 -0.16
N GLY B 89 22.51 10.30 -1.48
CA GLY B 89 22.12 9.24 -2.37
C GLY B 89 22.48 9.63 -3.78
N ALA B 90 22.36 8.67 -4.68
CA ALA B 90 22.73 8.92 -6.07
C ALA B 90 22.00 7.91 -6.95
N VAL B 91 21.55 8.37 -8.12
CA VAL B 91 20.86 7.52 -9.07
C VAL B 91 21.78 7.27 -10.25
N GLU B 92 21.97 6.00 -10.57
CA GLU B 92 22.69 5.56 -11.75
C GLU B 92 21.82 4.56 -12.47
N GLN B 93 21.53 4.81 -13.75
CA GLN B 93 20.61 3.98 -14.50
C GLN B 93 21.33 2.80 -15.16
N LYS B 94 20.83 1.59 -14.90
CA LYS B 94 21.30 0.37 -15.57
C LYS B 94 20.13 -0.60 -15.65
N THR B 95 19.92 -1.20 -16.82
CA THR B 95 18.93 -2.25 -16.94
C THR B 95 19.42 -3.53 -16.27
N LEU B 96 18.50 -4.46 -16.04
CA LEU B 96 18.88 -5.73 -15.43
C LEU B 96 20.01 -6.40 -16.19
N GLU B 97 19.92 -6.42 -17.52
CA GLU B 97 20.97 -7.02 -18.33
C GLU B 97 22.30 -6.32 -18.15
N GLU B 98 22.28 -5.02 -17.83
CA GLU B 98 23.48 -4.21 -17.74
C GLU B 98 24.12 -4.19 -16.36
N ILE B 99 23.42 -4.65 -15.32
CA ILE B 99 23.90 -4.50 -13.96
C ILE B 99 25.24 -5.19 -13.77
N THR B 100 26.20 -4.46 -13.22
CA THR B 100 27.49 -4.99 -12.80
C THR B 100 27.55 -5.05 -11.28
N PRO B 101 28.41 -5.90 -10.71
CA PRO B 101 28.58 -5.90 -9.26
C PRO B 101 28.99 -4.54 -8.71
N GLU B 102 29.83 -3.81 -9.43
CA GLU B 102 30.26 -2.49 -8.97
C GLU B 102 29.08 -1.51 -8.96
N HIS B 103 28.24 -1.56 -10.00
CA HIS B 103 27.05 -0.72 -10.03
C HIS B 103 26.14 -1.01 -8.86
N TYR B 104 25.91 -2.30 -8.58
CA TYR B 104 25.10 -2.67 -7.43
C TYR B 104 25.67 -2.10 -6.14
N ASP B 105 26.98 -2.27 -5.95
CA ASP B 105 27.61 -1.81 -4.71
C ASP B 105 27.52 -0.29 -4.57
N ARG B 106 27.76 0.44 -5.66
CA ARG B 106 27.69 1.90 -5.57
C ARG B 106 26.31 2.36 -5.14
N THR B 107 25.27 1.74 -5.69
CA THR B 107 23.91 2.14 -5.37
C THR B 107 23.55 1.80 -3.93
N PHE B 108 23.80 0.55 -3.51
CA PHE B 108 23.40 0.18 -2.16
C PHE B 108 24.33 0.72 -1.09
N ASP B 109 25.62 0.94 -1.40
CA ASP B 109 26.53 1.48 -0.37
C ASP B 109 26.10 2.87 0.07
N VAL B 110 25.72 3.73 -0.87
CA VAL B 110 25.35 5.09 -0.47
C VAL B 110 23.90 5.17 -0.03
N ASN B 111 23.00 4.46 -0.71
CA ASN B 111 21.58 4.62 -0.42
C ASN B 111 21.12 3.83 0.80
N VAL B 112 21.74 2.67 1.07
CA VAL B 112 21.24 1.82 2.14
C VAL B 112 22.30 1.64 3.22
N ARG B 113 23.45 1.10 2.83
CA ARG B 113 24.52 0.83 3.79
C ARG B 113 24.93 2.11 4.52
N GLY B 114 25.29 3.15 3.77
CA GLY B 114 25.70 4.40 4.37
C GLY B 114 24.58 5.03 5.19
N LEU B 115 23.34 4.84 4.76
CA LEU B 115 22.20 5.38 5.52
C LEU B 115 22.05 4.69 6.86
N ILE B 116 22.16 3.35 6.87
CA ILE B 116 22.08 2.61 8.13
C ILE B 116 23.13 3.11 9.11
N PHE B 117 24.37 3.28 8.66
CA PHE B 117 25.40 3.68 9.60
C PHE B 117 25.36 5.16 9.93
N THR B 118 24.82 5.99 9.03
CA THR B 118 24.55 7.38 9.37
C THR B 118 23.61 7.48 10.56
N VAL B 119 22.54 6.68 10.55
CA VAL B 119 21.57 6.76 11.65
C VAL B 119 22.11 6.04 12.88
N GLN B 120 22.72 4.86 12.70
CA GLN B 120 23.31 4.14 13.83
C GLN B 120 24.23 5.03 14.64
N LYS B 121 25.16 5.72 13.97
CA LYS B 121 26.17 6.47 14.69
C LYS B 121 25.64 7.80 15.23
N ALA B 122 24.46 8.23 14.80
CA ALA B 122 23.83 9.41 15.38
C ALA B 122 23.09 9.11 16.68
N LEU B 123 22.78 7.84 16.95
CA LEU B 123 21.96 7.49 18.11
C LEU B 123 22.49 8.04 19.44
N PRO B 124 23.78 7.96 19.76
CA PRO B 124 24.24 8.52 21.04
C PRO B 124 23.96 10.00 21.19
N LEU B 125 23.88 10.74 20.08
CA LEU B 125 23.65 12.18 20.14
C LEU B 125 22.19 12.58 19.96
N LEU B 126 21.37 11.71 19.37
CA LEU B 126 19.96 12.04 19.14
C LEU B 126 19.23 12.20 20.47
N ARG B 127 18.58 13.34 20.65
CA ARG B 127 17.79 13.55 21.84
C ARG B 127 16.45 12.82 21.75
N ASP B 128 15.96 12.36 22.90
CA ASP B 128 14.60 11.88 22.97
C ASP B 128 13.65 12.97 22.48
N GLY B 129 12.65 12.55 21.70
CA GLY B 129 11.77 13.48 21.02
C GLY B 129 12.29 14.02 19.71
N GLY B 130 13.46 13.58 19.25
CA GLY B 130 13.99 14.01 17.97
C GLY B 130 13.21 13.46 16.80
N SER B 131 13.61 13.89 15.60
CA SER B 131 12.93 13.54 14.35
C SER B 131 13.96 13.14 13.31
N VAL B 132 13.78 11.98 12.69
CA VAL B 132 14.68 11.49 11.65
C VAL B 132 13.89 11.40 10.35
N ILE B 133 14.44 11.97 9.28
CA ILE B 133 13.82 11.94 7.96
C ILE B 133 14.74 11.18 7.01
N LEU B 134 14.20 10.17 6.35
CA LEU B 134 14.91 9.40 5.34
C LEU B 134 14.42 9.79 3.96
N THR B 135 15.34 9.88 3.00
CA THR B 135 14.97 10.19 1.63
C THR B 135 14.76 8.89 0.86
N SER B 136 13.49 8.57 0.58
CA SER B 136 13.19 7.47 -0.33
C SER B 136 12.99 8.07 -1.72
N SER B 137 11.98 7.61 -2.45
CA SER B 137 11.69 8.11 -3.79
C SER B 137 10.40 7.47 -4.27
N VAL B 138 9.71 8.18 -5.18
CA VAL B 138 8.62 7.53 -5.91
C VAL B 138 9.11 6.27 -6.60
N ALA B 139 10.40 6.21 -6.93
CA ALA B 139 10.96 5.02 -7.57
C ALA B 139 10.75 3.78 -6.70
N GLY B 140 10.67 3.94 -5.40
CA GLY B 140 10.48 2.81 -4.48
C GLY B 140 9.15 2.11 -4.59
N VAL B 141 8.20 2.67 -5.33
CA VAL B 141 6.89 2.02 -5.49
C VAL B 141 6.52 1.91 -6.96
N LEU B 142 7.50 2.15 -7.85
CA LEU B 142 7.25 2.14 -9.29
C LEU B 142 8.15 1.12 -9.98
N GLY B 143 7.84 0.87 -11.25
CA GLY B 143 8.66 0.02 -12.09
C GLY B 143 9.26 0.82 -13.23
N LEU B 144 10.35 1.51 -12.94
CA LEU B 144 10.95 2.44 -13.89
C LEU B 144 12.07 1.75 -14.66
N GLN B 145 11.99 1.81 -15.99
CA GLN B 145 13.03 1.27 -16.85
C GLN B 145 14.41 1.72 -16.40
N ALA B 146 15.33 0.76 -16.24
CA ALA B 146 16.74 1.01 -15.95
C ALA B 146 16.98 1.61 -14.57
N HIS B 147 15.99 1.55 -13.67
CA HIS B 147 16.18 2.02 -12.29
C HIS B 147 16.25 0.86 -11.30
N ASP B 148 16.70 -0.32 -11.75
CA ASP B 148 16.59 -1.54 -10.95
C ASP B 148 17.16 -1.36 -9.54
N THR B 149 18.45 -1.03 -9.43
CA THR B 149 19.05 -0.99 -8.10
C THR B 149 18.61 0.24 -7.32
N TYR B 150 18.45 1.38 -8.00
CA TYR B 150 18.06 2.60 -7.30
C TYR B 150 16.67 2.45 -6.68
N SER B 151 15.72 1.97 -7.46
CA SER B 151 14.37 1.77 -6.95
C SER B 151 14.37 0.78 -5.79
N ALA B 152 15.07 -0.34 -5.95
CA ALA B 152 15.14 -1.32 -4.87
C ALA B 152 15.79 -0.74 -3.63
N ALA B 153 16.85 0.06 -3.81
CA ALA B 153 17.51 0.67 -2.66
C ALA B 153 16.58 1.64 -1.95
N LYS B 154 15.83 2.44 -2.71
CA LYS B 154 14.93 3.39 -2.06
C LYS B 154 13.75 2.68 -1.39
N ALA B 155 13.33 1.54 -1.93
CA ALA B 155 12.35 0.73 -1.22
C ALA B 155 12.91 0.25 0.11
N ALA B 156 14.19 -0.13 0.14
CA ALA B 156 14.82 -0.53 1.39
C ALA B 156 14.83 0.62 2.39
N VAL B 157 15.03 1.85 1.91
CA VAL B 157 15.04 3.00 2.79
C VAL B 157 13.68 3.17 3.46
N ARG B 158 12.61 3.06 2.68
CA ARG B 158 11.27 3.22 3.27
C ARG B 158 11.01 2.17 4.34
N SER B 159 11.45 0.94 4.09
CA SER B 159 11.32 -0.12 5.10
C SER B 159 12.00 0.26 6.40
N LEU B 160 13.21 0.84 6.33
CA LEU B 160 13.94 1.18 7.55
C LEU B 160 13.18 2.21 8.39
N ALA B 161 12.41 3.09 7.76
CA ALA B 161 11.59 4.02 8.53
C ALA B 161 10.57 3.27 9.39
N ARG B 162 10.05 2.15 8.88
CA ARG B 162 9.13 1.34 9.67
C ARG B 162 9.85 0.68 10.83
N THR B 163 10.95 -0.03 10.54
CA THR B 163 11.67 -0.75 11.59
C THR B 163 12.16 0.19 12.68
N TRP B 164 12.71 1.34 12.29
CA TRP B 164 13.25 2.27 13.28
C TRP B 164 12.15 2.97 14.07
N THR B 165 10.96 3.13 13.48
CA THR B 165 9.81 3.56 14.27
C THR B 165 9.63 2.64 15.47
N THR B 166 9.66 1.33 15.23
CA THR B 166 9.48 0.36 16.30
C THR B 166 10.65 0.39 17.28
N GLU B 167 11.89 0.44 16.77
CA GLU B 167 13.04 0.30 17.66
C GLU B 167 13.28 1.55 18.50
N LEU B 168 12.91 2.72 18.00
CA LEU B 168 13.21 3.97 18.68
C LEU B 168 12.00 4.58 19.39
N LYS B 169 10.86 3.88 19.42
CA LYS B 169 9.69 4.45 20.05
C LYS B 169 9.89 4.66 21.55
N GLY B 170 10.74 3.85 22.18
CA GLY B 170 11.00 4.03 23.60
C GLY B 170 11.66 5.36 23.91
N ARG B 171 12.36 5.94 22.94
CA ARG B 171 13.00 7.23 23.09
C ARG B 171 12.18 8.36 22.46
N SER B 172 10.96 8.06 22.01
CA SER B 172 10.06 9.05 21.40
C SER B 172 10.69 9.73 20.19
N ILE B 173 11.58 9.03 19.51
CA ILE B 173 12.19 9.51 18.27
C ILE B 173 11.32 9.07 17.11
N ARG B 174 10.85 10.03 16.31
CA ARG B 174 10.04 9.72 15.14
C ARG B 174 10.92 9.54 13.92
N VAL B 175 10.60 8.54 13.11
CA VAL B 175 11.31 8.25 11.88
C VAL B 175 10.29 8.18 10.75
N ASN B 176 10.50 9.00 9.72
CA ASN B 176 9.59 9.08 8.59
C ASN B 176 10.40 9.16 7.31
N ALA B 177 9.83 8.63 6.22
CA ALA B 177 10.45 8.72 4.91
C ALA B 177 9.74 9.75 4.04
N VAL B 178 10.52 10.56 3.33
CA VAL B 178 9.96 11.41 2.28
C VAL B 178 10.31 10.79 0.95
N SER B 179 9.33 10.73 0.04
CA SER B 179 9.49 10.12 -1.27
C SER B 179 9.27 11.17 -2.34
N PRO B 180 10.31 11.85 -2.78
CA PRO B 180 10.15 12.88 -3.81
C PRO B 180 9.82 12.28 -5.16
N GLY B 181 9.01 13.02 -5.91
CA GLY B 181 8.85 12.79 -7.34
C GLY B 181 9.99 13.48 -8.07
N ALA B 182 9.69 13.99 -9.26
CA ALA B 182 10.69 14.73 -10.03
C ALA B 182 10.92 16.10 -9.41
N ILE B 183 12.13 16.34 -8.91
CA ILE B 183 12.52 17.61 -8.31
C ILE B 183 13.62 18.23 -9.16
N ASP B 184 13.51 19.52 -9.43
CA ASP B 184 14.43 20.23 -10.33
C ASP B 184 15.77 20.44 -9.61
N THR B 185 16.61 19.41 -9.68
CA THR B 185 17.94 19.38 -9.08
C THR B 185 18.93 18.87 -10.10
N PRO B 186 20.23 18.90 -9.81
CA PRO B 186 21.20 18.32 -10.75
C PRO B 186 21.14 16.81 -10.89
N SER B 187 20.23 16.13 -10.19
CA SER B 187 20.16 14.67 -10.28
C SER B 187 19.30 14.23 -11.46
N ARG B 202 13.19 13.82 -19.13
CA ARG B 202 13.24 15.22 -18.64
C ARG B 202 11.82 15.80 -18.59
N ALA B 203 11.31 16.24 -19.75
CA ALA B 203 9.99 16.81 -19.84
C ALA B 203 8.83 15.82 -19.69
N LYS B 204 9.04 14.50 -19.71
CA LYS B 204 7.90 13.61 -19.45
C LYS B 204 7.50 13.55 -17.98
N ALA B 205 8.43 13.79 -17.07
CA ALA B 205 8.03 13.81 -15.66
C ALA B 205 6.93 14.85 -15.43
N ALA B 206 7.03 16.00 -16.08
CA ALA B 206 5.97 17.01 -15.97
C ALA B 206 4.67 16.53 -16.60
N ALA B 207 4.75 15.70 -17.66
CA ALA B 207 3.54 15.22 -18.33
C ALA B 207 2.85 14.12 -17.54
N ALA B 208 3.60 13.34 -16.77
CA ALA B 208 3.04 12.22 -16.03
C ALA B 208 2.51 12.64 -14.65
N THR B 209 2.77 13.88 -14.23
CA THR B 209 2.43 14.38 -12.91
C THR B 209 1.16 15.22 -12.98
N PRO B 210 0.14 14.93 -12.14
CA PRO B 210 -1.09 15.74 -12.18
C PRO B 210 -0.85 17.25 -12.09
N LEU B 211 0.03 17.70 -11.20
CA LEU B 211 0.28 19.14 -11.08
C LEU B 211 0.97 19.70 -12.33
N GLY B 212 1.42 18.85 -13.25
CA GLY B 212 1.88 19.29 -14.55
C GLY B 212 3.24 19.95 -14.57
N ARG B 213 4.08 19.69 -13.58
CA ARG B 213 5.39 20.32 -13.51
C ARG B 213 6.27 19.50 -12.60
N VAL B 214 7.59 19.67 -12.75
CA VAL B 214 8.50 19.14 -11.76
C VAL B 214 8.43 20.00 -10.51
N GLY B 215 8.81 19.41 -9.38
CA GLY B 215 8.80 20.14 -8.13
C GLY B 215 10.04 21.00 -7.94
N ARG B 216 9.89 22.04 -7.14
CA ARG B 216 11.04 22.85 -6.77
C ARG B 216 11.69 22.29 -5.51
N PRO B 217 13.03 22.38 -5.39
CA PRO B 217 13.70 21.91 -4.16
C PRO B 217 13.15 22.53 -2.90
N GLU B 218 12.71 23.79 -2.96
CA GLU B 218 12.13 24.44 -1.79
C GLU B 218 10.83 23.77 -1.37
N GLU B 219 10.11 23.17 -2.33
CA GLU B 219 8.88 22.46 -2.00
C GLU B 219 9.17 21.16 -1.25
N LEU B 220 10.25 20.48 -1.64
CA LEU B 220 10.65 19.30 -0.86
C LEU B 220 11.18 19.70 0.50
N ALA B 221 11.94 20.80 0.57
CA ALA B 221 12.42 21.29 1.85
C ALA B 221 11.26 21.58 2.80
N ALA B 222 10.18 22.13 2.25
CA ALA B 222 9.03 22.45 3.09
C ALA B 222 8.37 21.20 3.63
N ALA B 223 8.31 20.14 2.83
CA ALA B 223 7.75 18.88 3.31
C ALA B 223 8.64 18.25 4.36
N VAL B 224 9.96 18.30 4.16
CA VAL B 224 10.87 17.78 5.17
C VAL B 224 10.75 18.59 6.46
N LEU B 225 10.53 19.91 6.34
CA LEU B 225 10.32 20.74 7.52
C LEU B 225 9.10 20.27 8.31
N PHE B 226 8.02 19.92 7.61
CA PHE B 226 6.86 19.37 8.31
C PHE B 226 7.26 18.19 9.18
N LEU B 227 7.98 17.22 8.58
CA LEU B 227 8.37 16.03 9.32
C LEU B 227 9.35 16.34 10.44
N ALA B 228 10.22 17.34 10.25
CA ALA B 228 11.17 17.69 11.30
C ALA B 228 10.51 18.45 12.44
N SER B 229 9.47 19.22 12.13
CA SER B 229 8.85 20.13 13.08
C SER B 229 7.81 19.43 13.95
N ASP B 230 7.37 20.15 14.99
CA ASP B 230 6.34 19.64 15.87
C ASP B 230 4.97 19.57 15.21
N ASP B 231 4.79 20.17 14.04
CA ASP B 231 3.53 20.02 13.32
C ASP B 231 3.21 18.55 13.03
N SER B 232 4.23 17.70 12.97
CA SER B 232 4.06 16.28 12.66
C SER B 232 4.28 15.39 13.90
N SER B 233 4.02 15.92 15.10
CA SER B 233 4.35 15.18 16.31
C SER B 233 3.57 13.88 16.47
N TYR B 234 2.48 13.67 15.74
CA TYR B 234 1.78 12.38 15.77
C TYR B 234 1.93 11.62 14.45
N VAL B 235 2.98 11.93 13.68
CA VAL B 235 3.23 11.29 12.40
C VAL B 235 4.48 10.43 12.55
N ALA B 236 4.34 9.12 12.32
CA ALA B 236 5.45 8.21 12.57
C ALA B 236 5.43 7.07 11.58
N GLY B 237 6.60 6.76 11.01
CA GLY B 237 6.76 5.62 10.12
C GLY B 237 6.21 5.80 8.72
N ILE B 238 5.78 7.00 8.34
CA ILE B 238 5.03 7.16 7.10
C ILE B 238 5.96 7.26 5.89
N GLU B 239 5.37 7.17 4.71
CA GLU B 239 6.01 7.53 3.45
C GLU B 239 5.25 8.74 2.92
N LEU B 240 5.89 9.91 3.00
CA LEU B 240 5.27 11.15 2.57
C LEU B 240 5.65 11.38 1.10
N PHE B 241 4.70 11.15 0.21
CA PHE B 241 4.93 11.39 -1.21
C PHE B 241 4.84 12.88 -1.51
N VAL B 242 5.88 13.41 -2.14
CA VAL B 242 5.93 14.81 -2.56
C VAL B 242 6.23 14.79 -4.05
N ASP B 243 5.20 14.56 -4.86
CA ASP B 243 5.40 14.19 -6.26
C ASP B 243 4.34 14.79 -7.17
N GLY B 244 3.62 15.82 -6.70
CA GLY B 244 2.57 16.41 -7.51
C GLY B 244 1.46 15.46 -7.90
N GLY B 245 1.32 14.34 -7.18
CA GLY B 245 0.28 13.37 -7.44
C GLY B 245 0.70 12.18 -8.29
N LEU B 246 1.97 12.12 -8.72
CA LEU B 246 2.42 11.14 -9.71
C LEU B 246 2.04 9.71 -9.34
N THR B 247 2.35 9.30 -8.11
CA THR B 247 2.10 7.93 -7.68
C THR B 247 0.70 7.71 -7.11
N GLN B 248 -0.11 8.77 -7.02
CA GLN B 248 -1.36 8.71 -6.27
C GLN B 248 -2.58 8.57 -7.14
N VAL B 249 -2.45 8.65 -8.47
CA VAL B 249 -3.60 8.59 -9.37
C VAL B 249 -3.45 7.50 -10.42
N MET C 1 3.03 31.20 11.30
CA MET C 1 2.47 32.32 12.03
C MET C 1 1.29 32.90 11.27
N TYR C 2 1.49 33.14 9.98
CA TYR C 2 0.48 33.67 9.08
C TYR C 2 0.40 32.82 7.82
N ARG C 3 0.43 31.50 7.99
CA ARG C 3 0.56 30.61 6.85
C ARG C 3 -0.72 30.50 6.04
N LEU C 4 -1.84 31.04 6.54
CA LEU C 4 -3.09 31.08 5.78
C LEU C 4 -3.58 32.52 5.61
N LEU C 5 -2.65 33.46 5.51
CA LEU C 5 -2.98 34.88 5.43
C LEU C 5 -3.91 35.16 4.26
N ASN C 6 -5.02 35.85 4.56
CA ASN C 6 -6.06 36.28 3.63
C ASN C 6 -6.89 35.12 3.08
N LYS C 7 -6.67 33.89 3.54
CA LYS C 7 -7.41 32.75 3.01
C LYS C 7 -8.75 32.57 3.69
N THR C 8 -9.73 32.09 2.91
CA THR C 8 -11.05 31.74 3.40
C THR C 8 -11.14 30.23 3.49
N ALA C 9 -11.48 29.71 4.67
CA ALA C 9 -11.58 28.28 4.88
C ALA C 9 -12.99 27.89 5.32
N VAL C 10 -13.46 26.76 4.81
CA VAL C 10 -14.73 26.17 5.23
C VAL C 10 -14.42 24.81 5.84
N ILE C 11 -14.91 24.59 7.07
CA ILE C 11 -14.64 23.37 7.81
C ILE C 11 -15.97 22.77 8.23
N THR C 12 -16.33 21.65 7.60
CA THR C 12 -17.56 20.92 8.00
C THR C 12 -17.18 20.12 9.25
N GLY C 13 -18.08 20.05 10.25
CA GLY C 13 -17.74 19.35 11.50
C GLY C 13 -16.76 20.19 12.32
N GLY C 14 -16.88 21.52 12.20
CA GLY C 14 -16.02 22.47 12.93
C GLY C 14 -16.61 22.86 14.27
N ASN C 15 -17.73 22.23 14.64
CA ASN C 15 -18.46 22.45 15.90
C ASN C 15 -17.61 21.93 17.08
N SER C 16 -16.80 20.89 16.84
CA SER C 16 -15.99 20.30 17.94
C SER C 16 -14.85 19.43 17.39
N GLY C 17 -14.19 18.71 18.30
CA GLY C 17 -13.10 17.77 18.00
C GLY C 17 -12.05 18.31 17.04
N ILE C 18 -11.69 17.51 16.05
CA ILE C 18 -10.64 17.85 15.04
C ILE C 18 -11.03 19.10 14.25
N GLY C 19 -12.29 19.21 13.80
CA GLY C 19 -12.67 20.38 13.03
C GLY C 19 -12.51 21.65 13.83
N LEU C 20 -12.86 21.61 15.11
CA LEU C 20 -12.72 22.78 15.98
C LEU C 20 -11.26 23.12 16.22
N ALA C 21 -10.45 22.10 16.52
CA ALA C 21 -9.02 22.35 16.75
C ALA C 21 -8.36 22.90 15.48
N THR C 22 -8.79 22.39 14.32
CA THR C 22 -8.29 22.90 13.04
C THR C 22 -8.73 24.33 12.81
N ALA C 23 -10.00 24.63 13.09
CA ALA C 23 -10.48 26.01 12.98
C ALA C 23 -9.62 26.96 13.80
N LYS C 24 -9.29 26.58 15.04
CA LYS C 24 -8.48 27.44 15.90
C LYS C 24 -7.10 27.68 15.28
N ARG C 25 -6.45 26.62 14.81
CA ARG C 25 -5.14 26.78 14.19
C ARG C 25 -5.22 27.63 12.92
N PHE C 26 -6.26 27.40 12.10
CA PHE C 26 -6.42 28.18 10.87
C PHE C 26 -6.53 29.67 11.18
N VAL C 27 -7.34 30.03 12.18
CA VAL C 27 -7.48 31.43 12.56
C VAL C 27 -6.17 31.97 13.12
N ALA C 28 -5.45 31.15 13.89
CA ALA C 28 -4.15 31.57 14.39
C ALA C 28 -3.17 31.85 13.26
N GLU C 29 -3.36 31.19 12.11
CA GLU C 29 -2.50 31.38 10.95
C GLU C 29 -3.05 32.41 9.97
N GLY C 30 -4.08 33.17 10.35
CA GLY C 30 -4.56 34.27 9.54
C GLY C 30 -5.75 34.00 8.64
N ALA C 31 -6.36 32.82 8.74
CA ALA C 31 -7.48 32.53 7.88
C ALA C 31 -8.77 33.09 8.46
N TYR C 32 -9.75 33.29 7.58
CA TYR C 32 -11.14 33.47 7.99
C TYR C 32 -11.86 32.15 7.81
N VAL C 33 -12.55 31.69 8.85
CA VAL C 33 -13.05 30.32 8.92
C VAL C 33 -14.57 30.35 9.04
N PHE C 34 -15.23 29.51 8.23
CA PHE C 34 -16.62 29.12 8.46
C PHE C 34 -16.60 27.75 9.10
N ILE C 35 -17.19 27.63 10.29
CA ILE C 35 -17.38 26.33 10.91
C ILE C 35 -18.83 25.92 10.67
N VAL C 36 -19.03 24.65 10.31
CA VAL C 36 -20.33 24.14 9.89
C VAL C 36 -20.71 22.95 10.74
N GLY C 37 -21.96 22.93 11.19
CA GLY C 37 -22.48 21.84 11.99
C GLY C 37 -23.98 22.00 12.11
N ARG C 38 -24.61 21.07 12.82
CA ARG C 38 -26.06 21.09 12.93
C ARG C 38 -26.57 21.79 14.18
N ARG C 39 -25.76 21.86 15.22
CA ARG C 39 -26.20 22.39 16.51
C ARG C 39 -25.78 23.86 16.64
N ARG C 40 -26.75 24.73 16.87
CA ARG C 40 -26.46 26.17 16.83
C ARG C 40 -25.75 26.64 18.08
N LYS C 41 -26.20 26.21 19.26
CA LYS C 41 -25.54 26.61 20.50
C LYS C 41 -24.10 26.16 20.51
N GLU C 42 -23.83 24.92 20.06
CA GLU C 42 -22.46 24.42 20.08
C GLU C 42 -21.62 25.16 19.05
N LEU C 43 -22.21 25.51 17.91
CA LEU C 43 -21.52 26.35 16.94
C LEU C 43 -21.19 27.71 17.52
N GLU C 44 -22.14 28.32 18.24
CA GLU C 44 -21.91 29.63 18.81
C GLU C 44 -20.83 29.58 19.87
N GLN C 45 -20.85 28.53 20.70
CA GLN C 45 -19.81 28.39 21.73
C GLN C 45 -18.45 28.09 21.12
N ALA C 46 -18.43 27.28 20.05
CA ALA C 46 -17.18 27.02 19.34
C ALA C 46 -16.63 28.31 18.72
N ALA C 47 -17.49 29.07 18.03
CA ALA C 47 -17.06 30.33 17.42
C ALA C 47 -16.53 31.29 18.47
N ALA C 48 -17.15 31.28 19.67
CA ALA C 48 -16.66 32.11 20.77
C ALA C 48 -15.29 31.65 21.24
N GLU C 49 -15.05 30.33 21.26
CA GLU C 49 -13.72 29.82 21.61
C GLU C 49 -12.70 30.23 20.57
N ILE C 50 -13.08 30.21 19.30
CA ILE C 50 -12.20 30.64 18.23
C ILE C 50 -11.87 32.12 18.40
N GLY C 51 -12.87 32.93 18.71
CA GLY C 51 -12.66 34.27 19.21
C GLY C 51 -12.68 35.37 18.16
N ARG C 52 -12.33 35.07 16.92
CA ARG C 52 -12.21 36.10 15.89
C ARG C 52 -12.21 35.43 14.52
N ASN C 53 -12.56 36.23 13.50
CA ASN C 53 -12.47 35.82 12.10
C ASN C 53 -13.18 34.49 11.84
N VAL C 54 -14.37 34.32 12.41
CA VAL C 54 -15.11 33.06 12.28
C VAL C 54 -16.59 33.36 12.11
N THR C 55 -17.23 32.63 11.21
CA THR C 55 -18.68 32.62 11.05
C THR C 55 -19.17 31.18 11.23
N ALA C 56 -20.10 30.99 12.16
CA ALA C 56 -20.74 29.69 12.33
C ALA C 56 -21.95 29.58 11.40
N VAL C 57 -22.09 28.44 10.74
CA VAL C 57 -23.18 28.19 9.80
C VAL C 57 -23.85 26.88 10.18
N LYS C 58 -25.15 26.95 10.48
CA LYS C 58 -25.92 25.73 10.72
C LYS C 58 -26.22 25.04 9.39
N ALA C 59 -25.80 23.79 9.27
CA ALA C 59 -26.05 23.05 8.04
C ALA C 59 -25.88 21.57 8.31
N ASP C 60 -26.82 20.78 7.81
CA ASP C 60 -26.69 19.33 7.76
C ASP C 60 -26.10 19.00 6.39
N VAL C 61 -24.86 18.51 6.37
CA VAL C 61 -24.20 18.28 5.09
C VAL C 61 -24.85 17.18 4.27
N THR C 62 -25.67 16.33 4.87
CA THR C 62 -26.39 15.34 4.10
C THR C 62 -27.60 15.90 3.38
N LYS C 63 -27.92 17.18 3.61
CA LYS C 63 -29.07 17.82 2.98
C LYS C 63 -28.56 18.82 1.95
N LEU C 64 -28.90 18.55 0.68
CA LEU C 64 -28.41 19.37 -0.42
C LEU C 64 -28.80 20.83 -0.26
N GLU C 65 -30.00 21.09 0.27
CA GLU C 65 -30.44 22.46 0.44
C GLU C 65 -29.69 23.17 1.55
N ASP C 66 -29.20 22.43 2.55
CA ASP C 66 -28.38 23.06 3.58
C ASP C 66 -27.01 23.43 3.04
N LEU C 67 -26.47 22.63 2.10
CA LEU C 67 -25.21 22.97 1.47
C LEU C 67 -25.35 24.19 0.57
N ASP C 68 -26.46 24.28 -0.17
CA ASP C 68 -26.73 25.46 -0.97
C ASP C 68 -26.78 26.71 -0.09
N ARG C 69 -27.47 26.61 1.05
CA ARG C 69 -27.55 27.75 1.96
C ARG C 69 -26.17 28.11 2.51
N LEU C 70 -25.39 27.11 2.91
CA LEU C 70 -24.04 27.35 3.40
C LEU C 70 -23.22 28.16 2.42
N TYR C 71 -23.19 27.74 1.15
CA TYR C 71 -22.32 28.38 0.17
C TYR C 71 -22.86 29.72 -0.31
N ALA C 72 -24.17 29.95 -0.18
CA ALA C 72 -24.69 31.30 -0.41
C ALA C 72 -24.17 32.27 0.64
N ILE C 73 -24.11 31.82 1.89
CA ILE C 73 -23.56 32.65 2.97
C ILE C 73 -22.08 32.92 2.73
N VAL C 74 -21.33 31.88 2.37
CA VAL C 74 -19.90 32.07 2.08
C VAL C 74 -19.72 33.06 0.95
N ARG C 75 -20.56 32.98 -0.08
CA ARG C 75 -20.42 33.91 -1.21
C ARG C 75 -20.66 35.36 -0.80
N GLU C 76 -21.70 35.65 -0.01
CA GLU C 76 -21.91 37.03 0.45
C GLU C 76 -20.79 37.53 1.33
N GLN C 77 -20.37 36.72 2.31
CA GLN C 77 -19.50 37.25 3.34
C GLN C 77 -18.05 37.31 2.90
N ARG C 78 -17.61 36.37 2.07
CA ARG C 78 -16.20 36.32 1.69
C ARG C 78 -15.96 36.21 0.19
N GLY C 79 -16.89 35.69 -0.59
CA GLY C 79 -16.82 35.73 -2.04
C GLY C 79 -16.13 34.55 -2.69
N SER C 80 -15.34 33.79 -1.95
CA SER C 80 -14.57 32.69 -2.53
C SER C 80 -14.06 31.81 -1.40
N ILE C 81 -13.56 30.62 -1.79
CA ILE C 81 -13.03 29.65 -0.84
C ILE C 81 -11.61 29.28 -1.26
N ASP C 82 -10.67 29.34 -0.32
CA ASP C 82 -9.30 28.90 -0.54
C ASP C 82 -9.03 27.50 0.00
N VAL C 83 -9.61 27.14 1.15
CA VAL C 83 -9.35 25.86 1.80
C VAL C 83 -10.69 25.25 2.20
N LEU C 84 -10.89 23.99 1.84
CA LEU C 84 -12.08 23.24 2.23
C LEU C 84 -11.63 22.02 3.01
N PHE C 85 -12.05 21.92 4.27
CA PHE C 85 -11.75 20.78 5.13
C PHE C 85 -13.06 20.07 5.40
N ALA C 86 -13.29 18.96 4.69
CA ALA C 86 -14.51 18.18 4.83
C ALA C 86 -14.29 17.15 5.94
N ASN C 87 -14.71 17.52 7.15
CA ASN C 87 -14.40 16.77 8.35
C ASN C 87 -15.63 16.12 8.97
N SER C 88 -16.81 16.31 8.39
CA SER C 88 -18.01 15.70 8.95
C SER C 88 -17.95 14.18 8.80
N GLY C 89 -18.27 13.47 9.87
CA GLY C 89 -18.25 12.01 9.84
C GLY C 89 -18.73 11.48 11.17
N ALA C 90 -19.00 10.18 11.19
CA ALA C 90 -19.54 9.54 12.39
C ALA C 90 -19.30 8.04 12.33
N VAL C 91 -19.02 7.44 13.49
CA VAL C 91 -18.77 6.02 13.61
C VAL C 91 -19.93 5.36 14.34
N GLU C 92 -20.50 4.32 13.74
CA GLU C 92 -21.43 3.42 14.41
C GLU C 92 -20.95 2.00 14.18
N GLN C 93 -20.74 1.25 15.26
CA GLN C 93 -20.20 -0.09 15.15
C GLN C 93 -21.33 -1.10 14.97
N LYS C 94 -21.22 -1.91 13.92
CA LYS C 94 -22.13 -3.03 13.67
C LYS C 94 -21.35 -4.12 12.96
N THR C 95 -21.49 -5.36 13.42
CA THR C 95 -20.89 -6.47 12.70
C THR C 95 -21.67 -6.74 11.42
N LEU C 96 -21.08 -7.55 10.54
CA LEU C 96 -21.74 -7.89 9.28
C LEU C 96 -23.12 -8.48 9.53
N GLU C 97 -23.22 -9.42 10.46
CA GLU C 97 -24.50 -10.05 10.75
C GLU C 97 -25.52 -9.02 11.26
N GLU C 98 -25.05 -7.95 11.89
CA GLU C 98 -25.91 -6.95 12.51
C GLU C 98 -26.34 -5.85 11.57
N ILE C 99 -25.69 -5.70 10.41
CA ILE C 99 -25.94 -4.56 9.53
C ILE C 99 -27.39 -4.56 9.06
N THR C 100 -28.05 -3.43 9.22
CA THR C 100 -29.36 -3.13 8.66
C THR C 100 -29.24 -2.10 7.55
N PRO C 101 -30.23 -2.00 6.66
CA PRO C 101 -30.17 -0.95 5.63
C PRO C 101 -30.04 0.45 6.21
N GLU C 102 -30.72 0.72 7.33
CA GLU C 102 -30.65 2.05 7.93
C GLU C 102 -29.25 2.34 8.47
N HIS C 103 -28.62 1.36 9.13
CA HIS C 103 -27.25 1.55 9.58
C HIS C 103 -26.32 1.83 8.40
N TYR C 104 -26.47 1.06 7.33
CA TYR C 104 -25.67 1.30 6.13
C TYR C 104 -25.91 2.70 5.59
N ASP C 105 -27.18 3.08 5.44
CA ASP C 105 -27.49 4.36 4.83
C ASP C 105 -26.95 5.54 5.63
N ARG C 106 -27.10 5.49 6.97
CA ARG C 106 -26.61 6.60 7.78
C ARG C 106 -25.08 6.73 7.69
N THR C 107 -24.36 5.61 7.65
CA THR C 107 -22.91 5.70 7.60
C THR C 107 -22.44 6.31 6.28
N PHE C 108 -22.95 5.82 5.16
CA PHE C 108 -22.50 6.36 3.88
C PHE C 108 -23.11 7.72 3.56
N ASP C 109 -24.28 8.04 4.11
CA ASP C 109 -24.87 9.35 3.83
C ASP C 109 -23.99 10.47 4.38
N VAL C 110 -23.47 10.30 5.59
CA VAL C 110 -22.67 11.37 6.19
C VAL C 110 -21.22 11.29 5.71
N ASN C 111 -20.68 10.08 5.59
CA ASN C 111 -19.25 9.91 5.31
C ASN C 111 -18.91 10.05 3.83
N VAL C 112 -19.82 9.65 2.93
CA VAL C 112 -19.49 9.65 1.50
C VAL C 112 -20.42 10.59 0.75
N ARG C 113 -21.73 10.32 0.84
CA ARG C 113 -22.72 11.11 0.13
C ARG C 113 -22.60 12.59 0.48
N GLY C 114 -22.65 12.92 1.77
CA GLY C 114 -22.54 14.31 2.17
C GLY C 114 -21.22 14.94 1.79
N LEU C 115 -20.14 14.16 1.82
CA LEU C 115 -18.83 14.69 1.43
C LEU C 115 -18.80 15.04 -0.05
N ILE C 116 -19.32 14.14 -0.90
CA ILE C 116 -19.32 14.39 -2.33
C ILE C 116 -20.02 15.71 -2.65
N PHE C 117 -21.19 15.93 -2.07
CA PHE C 117 -21.92 17.14 -2.40
C PHE C 117 -21.38 18.37 -1.69
N THR C 118 -20.74 18.19 -0.52
CA THR C 118 -20.02 19.30 0.09
C THR C 118 -18.95 19.84 -0.84
N VAL C 119 -18.19 18.95 -1.48
CA VAL C 119 -17.13 19.38 -2.37
C VAL C 119 -17.71 19.86 -3.70
N GLN C 120 -18.68 19.12 -4.25
CA GLN C 120 -19.32 19.53 -5.50
C GLN C 120 -19.79 20.97 -5.44
N LYS C 121 -20.51 21.31 -4.38
CA LYS C 121 -21.13 22.63 -4.29
C LYS C 121 -20.14 23.71 -3.87
N ALA C 122 -18.93 23.34 -3.45
CA ALA C 122 -17.89 24.32 -3.21
C ALA C 122 -17.14 24.72 -4.47
N LEU C 123 -17.22 23.90 -5.54
CA LEU C 123 -16.45 24.13 -6.75
C LEU C 123 -16.63 25.53 -7.34
N PRO C 124 -17.84 26.09 -7.47
CA PRO C 124 -17.96 27.44 -8.02
C PRO C 124 -17.21 28.49 -7.22
N LEU C 125 -17.02 28.27 -5.93
CA LEU C 125 -16.34 29.24 -5.07
C LEU C 125 -14.85 28.94 -4.89
N LEU C 126 -14.43 27.71 -5.13
CA LEU C 126 -13.04 27.34 -4.92
C LEU C 126 -12.13 28.08 -5.89
N ARG C 127 -11.14 28.79 -5.36
CA ARG C 127 -10.19 29.49 -6.21
C ARG C 127 -9.17 28.50 -6.78
N ASP C 128 -8.69 28.81 -7.98
CA ASP C 128 -7.56 28.07 -8.53
C ASP C 128 -6.39 28.12 -7.55
N GLY C 129 -5.71 27.00 -7.40
CA GLY C 129 -4.66 26.89 -6.40
C GLY C 129 -5.13 26.60 -5.00
N GLY C 130 -6.42 26.39 -4.78
CA GLY C 130 -6.93 26.07 -3.46
C GLY C 130 -6.51 24.68 -3.01
N SER C 131 -6.90 24.35 -1.77
CA SER C 131 -6.51 23.10 -1.14
C SER C 131 -7.73 22.48 -0.47
N VAL C 132 -7.99 21.21 -0.77
CA VAL C 132 -9.10 20.47 -0.19
C VAL C 132 -8.54 19.32 0.63
N ILE C 133 -8.99 19.19 1.87
CA ILE C 133 -8.57 18.11 2.76
C ILE C 133 -9.80 17.27 3.11
N LEU C 134 -9.70 15.97 2.87
CA LEU C 134 -10.76 15.02 3.21
C LEU C 134 -10.34 14.21 4.43
N THR C 135 -11.29 13.97 5.33
CA THR C 135 -11.00 13.15 6.51
C THR C 135 -11.32 11.70 6.21
N SER C 136 -10.27 10.88 6.04
CA SER C 136 -10.45 9.44 5.99
C SER C 136 -10.24 8.89 7.39
N SER C 137 -9.53 7.77 7.52
CA SER C 137 -9.28 7.14 8.80
C SER C 137 -8.33 5.98 8.59
N VAL C 138 -7.55 5.65 9.63
CA VAL C 138 -6.80 4.40 9.60
C VAL C 138 -7.74 3.23 9.37
N ALA C 139 -9.01 3.36 9.77
CA ALA C 139 -9.96 2.29 9.52
C ALA C 139 -10.06 1.97 8.04
N GLY C 140 -9.78 2.94 7.18
CA GLY C 140 -9.84 2.72 5.75
C GLY C 140 -8.82 1.73 5.21
N VAL C 141 -7.83 1.33 6.01
CA VAL C 141 -6.84 0.36 5.54
C VAL C 141 -6.73 -0.81 6.52
N LEU C 142 -7.67 -0.93 7.44
CA LEU C 142 -7.62 -1.96 8.48
C LEU C 142 -8.86 -2.85 8.42
N GLY C 143 -8.79 -3.96 9.15
CA GLY C 143 -9.91 -4.85 9.32
C GLY C 143 -10.35 -4.88 10.77
N LEU C 144 -11.11 -3.89 11.19
CA LEU C 144 -11.50 -3.72 12.59
C LEU C 144 -12.86 -4.33 12.83
N GLN C 145 -12.94 -5.19 13.83
CA GLN C 145 -14.20 -5.82 14.23
C GLN C 145 -15.31 -4.78 14.34
N ALA C 146 -16.44 -5.06 13.69
CA ALA C 146 -17.67 -4.28 13.79
C ALA C 146 -17.57 -2.88 13.21
N HIS C 147 -16.55 -2.60 12.40
CA HIS C 147 -16.42 -1.31 11.72
C HIS C 147 -16.71 -1.41 10.22
N ASP C 148 -17.58 -2.36 9.83
CA ASP C 148 -17.77 -2.70 8.41
C ASP C 148 -18.07 -1.46 7.56
N THR C 149 -19.16 -0.76 7.86
CA THR C 149 -19.57 0.34 7.00
C THR C 149 -18.67 1.57 7.17
N TYR C 150 -18.24 1.85 8.40
CA TYR C 150 -17.41 3.02 8.63
C TYR C 150 -16.09 2.91 7.90
N SER C 151 -15.41 1.77 8.05
CA SER C 151 -14.13 1.56 7.37
C SER C 151 -14.29 1.62 5.85
N ALA C 152 -15.33 0.96 5.33
CA ALA C 152 -15.56 0.98 3.89
C ALA C 152 -15.83 2.39 3.39
N ALA C 153 -16.63 3.16 4.15
CA ALA C 153 -16.92 4.53 3.78
C ALA C 153 -15.65 5.39 3.79
N LYS C 154 -14.80 5.20 4.80
CA LYS C 154 -13.59 6.01 4.85
C LYS C 154 -12.61 5.59 3.75
N ALA C 155 -12.64 4.33 3.32
CA ALA C 155 -11.87 3.95 2.13
C ALA C 155 -12.39 4.68 0.90
N ALA C 156 -13.72 4.81 0.80
CA ALA C 156 -14.30 5.57 -0.32
C ALA C 156 -13.82 7.02 -0.30
N VAL C 157 -13.68 7.60 0.91
CA VAL C 157 -13.23 8.99 1.02
C VAL C 157 -11.82 9.13 0.46
N ARG C 158 -10.93 8.20 0.80
CA ARG C 158 -9.55 8.27 0.31
C ARG C 158 -9.52 8.15 -1.22
N SER C 159 -10.36 7.27 -1.78
CA SER C 159 -10.45 7.14 -3.23
C SER C 159 -10.81 8.47 -3.89
N LEU C 160 -11.75 9.22 -3.30
CA LEU C 160 -12.18 10.47 -3.90
C LEU C 160 -11.04 11.48 -3.96
N ALA C 161 -10.11 11.45 -3.01
CA ALA C 161 -8.96 12.34 -3.10
C ALA C 161 -8.14 12.07 -4.35
N ARG C 162 -8.06 10.80 -4.76
CA ARG C 162 -7.35 10.47 -6.00
C ARG C 162 -8.11 10.99 -7.22
N THR C 163 -9.40 10.65 -7.32
CA THR C 163 -10.17 11.06 -8.49
C THR C 163 -10.20 12.58 -8.63
N TRP C 164 -10.41 13.28 -7.51
CA TRP C 164 -10.52 14.74 -7.58
C TRP C 164 -9.16 15.38 -7.86
N THR C 165 -8.07 14.73 -7.47
CA THR C 165 -6.75 15.19 -7.91
C THR C 165 -6.69 15.26 -9.43
N THR C 166 -7.16 14.22 -10.10
CA THR C 166 -7.15 14.19 -11.56
C THR C 166 -8.12 15.21 -12.15
N GLU C 167 -9.33 15.30 -11.58
CA GLU C 167 -10.35 16.14 -12.21
C GLU C 167 -10.10 17.62 -12.00
N LEU C 168 -9.45 18.01 -10.90
CA LEU C 168 -9.26 19.41 -10.56
C LEU C 168 -7.86 19.92 -10.84
N LYS C 169 -6.99 19.12 -11.46
CA LYS C 169 -5.61 19.55 -11.68
C LYS C 169 -5.53 20.74 -12.65
N GLY C 170 -6.46 20.85 -13.59
CA GLY C 170 -6.45 21.99 -14.49
C GLY C 170 -6.63 23.31 -13.78
N ARG C 171 -7.26 23.28 -12.61
CA ARG C 171 -7.43 24.47 -11.77
C ARG C 171 -6.38 24.53 -10.66
N SER C 172 -5.40 23.63 -10.68
CA SER C 172 -4.30 23.60 -9.71
C SER C 172 -4.82 23.46 -8.27
N ILE C 173 -5.98 22.85 -8.11
CA ILE C 173 -6.54 22.59 -6.79
C ILE C 173 -6.00 21.26 -6.29
N ARG C 174 -5.36 21.28 -5.13
CA ARG C 174 -4.83 20.07 -4.53
C ARG C 174 -5.87 19.45 -3.60
N VAL C 175 -5.99 18.12 -3.68
CA VAL C 175 -6.91 17.36 -2.85
C VAL C 175 -6.11 16.27 -2.16
N ASN C 176 -6.20 16.22 -0.83
CA ASN C 176 -5.44 15.26 -0.06
C ASN C 176 -6.31 14.72 1.05
N ALA C 177 -6.06 13.48 1.45
CA ALA C 177 -6.77 12.86 2.55
C ALA C 177 -5.86 12.79 3.78
N VAL C 178 -6.43 13.13 4.94
CA VAL C 178 -5.77 12.87 6.21
C VAL C 178 -6.46 11.66 6.83
N SER C 179 -5.67 10.73 7.35
CA SER C 179 -6.20 9.51 7.94
C SER C 179 -5.79 9.47 9.41
N PRO C 180 -6.62 10.02 10.29
CA PRO C 180 -6.28 10.01 11.71
C PRO C 180 -6.32 8.61 12.29
N GLY C 181 -5.42 8.39 13.26
CA GLY C 181 -5.51 7.26 14.14
C GLY C 181 -6.42 7.58 15.32
N ALA C 182 -6.09 7.08 16.50
CA ALA C 182 -6.88 7.41 17.68
C ALA C 182 -6.59 8.85 18.10
N ILE C 183 -7.60 9.70 18.05
CA ILE C 183 -7.50 11.10 18.45
C ILE C 183 -8.45 11.33 19.61
N ASP C 184 -7.99 12.04 20.63
CA ASP C 184 -8.80 12.30 21.82
C ASP C 184 -9.89 13.31 21.50
N THR C 185 -11.04 12.83 21.02
CA THR C 185 -12.16 13.67 20.59
C THR C 185 -13.46 13.20 21.25
N PRO C 186 -14.58 13.93 21.06
CA PRO C 186 -15.86 13.46 21.62
C PRO C 186 -16.38 12.14 21.04
N SER C 187 -15.61 11.48 20.18
CA SER C 187 -16.04 10.23 19.56
C SER C 187 -15.76 9.05 20.51
N LEU C 188 -16.37 9.13 21.69
CA LEU C 188 -16.21 8.08 22.70
C LEU C 188 -17.57 7.64 23.25
N ASP C 199 -12.81 6.94 27.32
CA ASP C 199 -13.31 6.19 28.47
C ASP C 199 -12.21 5.25 28.97
N GLU C 200 -12.20 4.01 28.48
CA GLU C 200 -11.08 3.10 28.70
C GLU C 200 -10.64 2.33 27.46
N LEU C 201 -11.34 2.43 26.32
CA LEU C 201 -10.80 1.91 25.06
C LEU C 201 -9.70 2.79 24.50
N ARG C 202 -9.48 3.94 25.12
CA ARG C 202 -8.45 4.86 24.68
C ARG C 202 -7.06 4.29 24.97
N ALA C 203 -6.83 3.83 26.21
CA ALA C 203 -5.56 3.19 26.52
C ALA C 203 -5.41 1.85 25.81
N LYS C 204 -6.47 1.34 25.18
CA LYS C 204 -6.34 0.19 24.29
C LYS C 204 -5.66 0.61 23.00
N ALA C 205 -6.10 1.72 22.41
CA ALA C 205 -5.49 2.24 21.20
C ALA C 205 -4.05 2.67 21.43
N ALA C 206 -3.78 3.25 22.61
CA ALA C 206 -2.43 3.69 22.93
C ALA C 206 -1.45 2.54 22.98
N ALA C 207 -1.92 1.35 23.34
CA ALA C 207 -1.03 0.20 23.42
C ALA C 207 -0.68 -0.32 22.03
N ALA C 208 -1.56 -0.13 21.05
CA ALA C 208 -1.33 -0.62 19.70
C ALA C 208 -0.53 0.36 18.84
N THR C 209 -0.29 1.57 19.32
CA THR C 209 0.37 2.65 18.58
C THR C 209 1.83 2.79 19.03
N PRO C 210 2.78 2.81 18.10
CA PRO C 210 4.20 2.96 18.49
C PRO C 210 4.47 4.14 19.42
N LEU C 211 3.88 5.30 19.14
CA LEU C 211 4.12 6.44 20.03
C LEU C 211 3.53 6.22 21.41
N GLY C 212 2.75 5.17 21.60
CA GLY C 212 2.32 4.80 22.92
C GLY C 212 1.24 5.71 23.48
N ARG C 213 0.53 6.43 22.62
CA ARG C 213 -0.48 7.34 23.11
C ARG C 213 -1.48 7.64 22.00
N VAL C 214 -2.67 8.10 22.42
CA VAL C 214 -3.60 8.69 21.45
C VAL C 214 -3.12 10.08 21.07
N GLY C 215 -3.54 10.52 19.89
CA GLY C 215 -3.19 11.84 19.42
C GLY C 215 -4.09 12.93 19.99
N ARG C 216 -3.54 14.13 20.06
CA ARG C 216 -4.30 15.30 20.45
C ARG C 216 -4.95 15.91 19.22
N PRO C 217 -6.15 16.48 19.36
CA PRO C 217 -6.78 17.14 18.20
C PRO C 217 -5.90 18.19 17.57
N GLU C 218 -5.12 18.91 18.37
CA GLU C 218 -4.21 19.93 17.86
C GLU C 218 -3.13 19.32 16.96
N GLU C 219 -2.77 18.06 17.23
CA GLU C 219 -1.78 17.38 16.40
C GLU C 219 -2.36 17.04 15.04
N LEU C 220 -3.64 16.65 14.99
CA LEU C 220 -4.27 16.44 13.70
C LEU C 220 -4.48 17.76 12.98
N ALA C 221 -4.85 18.80 13.72
CA ALA C 221 -5.02 20.13 13.12
C ALA C 221 -3.73 20.60 12.45
N ALA C 222 -2.59 20.30 13.06
CA ALA C 222 -1.31 20.74 12.51
C ALA C 222 -1.02 20.04 11.19
N ALA C 223 -1.42 18.77 11.07
CA ALA C 223 -1.26 18.05 9.80
C ALA C 223 -2.19 18.59 8.74
N VAL C 224 -3.43 18.91 9.12
CA VAL C 224 -4.35 19.51 8.15
C VAL C 224 -3.84 20.86 7.70
N LEU C 225 -3.26 21.64 8.63
CA LEU C 225 -2.66 22.92 8.25
C LEU C 225 -1.56 22.75 7.23
N PHE C 226 -0.70 21.73 7.41
CA PHE C 226 0.34 21.47 6.41
C PHE C 226 -0.27 21.32 5.03
N LEU C 227 -1.30 20.48 4.92
CA LEU C 227 -1.94 20.23 3.63
C LEU C 227 -2.65 21.48 3.10
N ALA C 228 -3.18 22.31 4.00
CA ALA C 228 -3.83 23.54 3.56
C ALA C 228 -2.82 24.60 3.13
N SER C 229 -1.62 24.58 3.71
CA SER C 229 -0.63 25.64 3.54
C SER C 229 0.20 25.42 2.27
N ASP C 230 0.94 26.48 1.91
CA ASP C 230 1.82 26.39 0.75
C ASP C 230 3.02 25.49 0.98
N ASP C 231 3.32 25.13 2.23
CA ASP C 231 4.41 24.19 2.47
C ASP C 231 4.16 22.85 1.77
N SER C 232 2.90 22.51 1.48
CA SER C 232 2.57 21.25 0.82
C SER C 232 2.23 21.45 -0.65
N SER C 233 2.77 22.49 -1.29
CA SER C 233 2.36 22.86 -2.64
C SER C 233 2.70 21.80 -3.69
N TYR C 234 3.59 20.85 -3.39
CA TYR C 234 3.85 19.75 -4.32
C TYR C 234 3.31 18.42 -3.81
N VAL C 235 2.33 18.46 -2.90
CA VAL C 235 1.72 17.27 -2.34
C VAL C 235 0.28 17.20 -2.84
N ALA C 236 -0.06 16.11 -3.53
CA ALA C 236 -1.37 15.99 -4.16
C ALA C 236 -1.83 14.55 -4.14
N GLY C 237 -3.09 14.33 -3.78
CA GLY C 237 -3.71 13.02 -3.85
C GLY C 237 -3.32 12.04 -2.77
N ILE C 238 -2.57 12.47 -1.76
CA ILE C 238 -1.97 11.52 -0.83
C ILE C 238 -2.95 11.12 0.26
N GLU C 239 -2.56 10.10 1.01
CA GLU C 239 -3.18 9.71 2.27
C GLU C 239 -2.14 9.95 3.35
N LEU C 240 -2.35 10.99 4.15
CA LEU C 240 -1.43 11.36 5.22
C LEU C 240 -1.90 10.69 6.51
N PHE C 241 -1.21 9.64 6.93
CA PHE C 241 -1.53 8.96 8.17
C PHE C 241 -1.02 9.76 9.36
N VAL C 242 -1.91 10.06 10.29
CA VAL C 242 -1.57 10.79 11.51
C VAL C 242 -2.02 9.90 12.66
N ASP C 243 -1.22 8.88 12.97
CA ASP C 243 -1.70 7.79 13.81
C ASP C 243 -0.63 7.28 14.75
N GLY C 244 0.43 8.04 14.98
CA GLY C 244 1.50 7.58 15.85
C GLY C 244 2.18 6.31 15.38
N GLY C 245 2.04 5.96 14.11
CA GLY C 245 2.69 4.78 13.56
C GLY C 245 1.83 3.53 13.48
N LEU C 246 0.56 3.62 13.90
CA LEU C 246 -0.31 2.45 14.04
C LEU C 246 -0.34 1.60 12.77
N THR C 247 -0.60 2.23 11.63
CA THR C 247 -0.75 1.52 10.37
C THR C 247 0.56 1.29 9.64
N GLN C 248 1.67 1.79 10.17
CA GLN C 248 2.94 1.84 9.45
C GLN C 248 3.93 0.77 9.88
N VAL C 249 3.66 0.03 10.94
CA VAL C 249 4.61 -0.95 11.44
C VAL C 249 3.99 -2.33 11.50
N MET D 1 -12.65 -34.96 -8.64
CA MET D 1 -11.73 -35.24 -9.79
C MET D 1 -10.88 -34.01 -10.06
N TYR D 2 -11.23 -32.87 -9.46
CA TYR D 2 -10.60 -31.58 -9.87
C TYR D 2 -10.41 -30.66 -8.66
N ARG D 3 -10.06 -29.40 -8.92
CA ARG D 3 -9.74 -28.40 -7.88
C ARG D 3 -10.98 -27.95 -7.09
N LEU D 4 -12.18 -28.09 -7.65
CA LEU D 4 -13.42 -27.69 -6.94
C LEU D 4 -14.40 -28.86 -6.98
N LEU D 5 -13.90 -30.09 -6.95
CA LEU D 5 -14.76 -31.26 -7.07
C LEU D 5 -15.83 -31.27 -6.00
N ASN D 6 -17.09 -31.33 -6.42
CA ASN D 6 -18.26 -31.43 -5.55
C ASN D 6 -18.47 -30.19 -4.69
N LYS D 7 -17.74 -29.11 -4.95
CA LYS D 7 -17.95 -27.88 -4.20
C LYS D 7 -19.14 -27.12 -4.79
N THR D 8 -19.85 -26.42 -3.93
CA THR D 8 -20.97 -25.58 -4.35
C THR D 8 -20.55 -24.12 -4.38
N ALA D 9 -20.73 -23.48 -5.53
CA ALA D 9 -20.33 -22.09 -5.72
C ALA D 9 -21.52 -21.24 -6.12
N VAL D 10 -21.59 -20.03 -5.59
CA VAL D 10 -22.59 -19.04 -5.94
C VAL D 10 -21.89 -17.84 -6.56
N ILE D 11 -22.33 -17.44 -7.75
CA ILE D 11 -21.72 -16.33 -8.48
C ILE D 11 -22.81 -15.33 -8.83
N THR D 12 -22.79 -14.17 -8.18
CA THR D 12 -23.67 -13.08 -8.58
C THR D 12 -23.05 -12.33 -9.76
N GLY D 13 -23.92 -11.80 -10.62
CA GLY D 13 -23.44 -11.27 -11.88
C GLY D 13 -22.88 -12.34 -12.79
N GLY D 14 -23.40 -13.56 -12.70
CA GLY D 14 -22.88 -14.71 -13.41
C GLY D 14 -23.43 -14.95 -14.80
N ASN D 15 -24.23 -14.04 -15.35
CA ASN D 15 -24.84 -14.26 -16.65
C ASN D 15 -24.05 -13.63 -17.81
N SER D 16 -22.93 -12.99 -17.49
CA SER D 16 -22.11 -12.37 -18.58
C SER D 16 -20.72 -11.99 -18.05
N GLY D 17 -19.85 -11.56 -18.96
CA GLY D 17 -18.47 -11.11 -18.63
C GLY D 17 -17.73 -12.08 -17.73
N ILE D 18 -17.03 -11.53 -16.73
CA ILE D 18 -16.20 -12.32 -15.77
C ILE D 18 -17.08 -13.33 -15.03
N GLY D 19 -18.26 -12.91 -14.58
CA GLY D 19 -19.17 -13.83 -13.87
C GLY D 19 -19.38 -15.12 -14.64
N LEU D 20 -19.75 -15.00 -15.91
CA LEU D 20 -20.00 -16.19 -16.78
C LEU D 20 -18.69 -16.97 -16.97
N ALA D 21 -17.60 -16.27 -17.31
CA ALA D 21 -16.29 -16.91 -17.53
C ALA D 21 -15.89 -17.72 -16.29
N THR D 22 -16.14 -17.16 -15.09
CA THR D 22 -15.83 -17.85 -13.85
C THR D 22 -16.72 -19.07 -13.64
N ALA D 23 -18.01 -18.92 -13.92
CA ALA D 23 -18.92 -20.07 -13.83
C ALA D 23 -18.43 -21.22 -14.70
N LYS D 24 -18.02 -20.92 -15.94
CA LYS D 24 -17.55 -21.96 -16.84
C LYS D 24 -16.32 -22.67 -16.29
N ARG D 25 -15.34 -21.90 -15.79
CA ARG D 25 -14.14 -22.51 -15.24
C ARG D 25 -14.46 -23.32 -13.98
N PHE D 26 -15.33 -22.79 -13.12
CA PHE D 26 -15.71 -23.52 -11.90
C PHE D 26 -16.31 -24.87 -12.25
N VAL D 27 -17.20 -24.91 -13.24
CA VAL D 27 -17.83 -26.17 -13.64
C VAL D 27 -16.78 -27.11 -14.23
N ALA D 28 -15.84 -26.57 -15.02
CA ALA D 28 -14.77 -27.39 -15.55
C ALA D 28 -13.90 -28.00 -14.45
N GLU D 29 -13.88 -27.37 -13.27
CA GLU D 29 -13.12 -27.87 -12.12
C GLU D 29 -13.96 -28.73 -11.18
N GLY D 30 -15.17 -29.08 -11.57
CA GLY D 30 -15.97 -30.02 -10.81
C GLY D 30 -16.99 -29.42 -9.86
N ALA D 31 -17.19 -28.11 -9.88
CA ALA D 31 -18.13 -27.48 -8.98
C ALA D 31 -19.54 -27.51 -9.54
N TYR D 32 -20.51 -27.38 -8.63
CA TYR D 32 -21.88 -27.03 -8.99
C TYR D 32 -22.07 -25.55 -8.74
N VAL D 33 -22.59 -24.83 -9.73
CA VAL D 33 -22.60 -23.37 -9.72
C VAL D 33 -24.02 -22.86 -9.79
N PHE D 34 -24.32 -21.87 -8.95
CA PHE D 34 -25.51 -21.03 -9.11
C PHE D 34 -25.07 -19.70 -9.72
N ILE D 35 -25.63 -19.36 -10.88
CA ILE D 35 -25.39 -18.06 -11.48
C ILE D 35 -26.61 -17.18 -11.22
N VAL D 36 -26.35 -15.92 -10.87
CA VAL D 36 -27.39 -15.01 -10.42
C VAL D 36 -27.36 -13.76 -11.27
N GLY D 37 -28.56 -13.31 -11.67
CA GLY D 37 -28.70 -12.09 -12.45
C GLY D 37 -30.17 -11.73 -12.49
N ARG D 38 -30.45 -10.59 -13.13
CA ARG D 38 -31.81 -10.08 -13.15
C ARG D 38 -32.58 -10.49 -14.39
N ARG D 39 -31.88 -10.77 -15.49
CA ARG D 39 -32.47 -10.99 -16.80
C ARG D 39 -32.63 -12.48 -17.09
N ARG D 40 -33.85 -12.91 -17.49
CA ARG D 40 -34.11 -14.33 -17.63
C ARG D 40 -33.55 -14.93 -18.91
N LYS D 41 -33.75 -14.27 -20.06
CA LYS D 41 -33.16 -14.77 -21.30
C LYS D 41 -31.66 -14.97 -21.20
N GLU D 42 -30.94 -13.96 -20.70
CA GLU D 42 -29.49 -14.05 -20.66
C GLU D 42 -28.96 -15.02 -19.61
N LEU D 43 -29.63 -15.12 -18.45
CA LEU D 43 -29.31 -16.22 -17.54
C LEU D 43 -29.53 -17.54 -18.24
N GLU D 44 -30.61 -17.61 -19.02
CA GLU D 44 -31.00 -18.85 -19.67
C GLU D 44 -29.98 -19.24 -20.75
N GLN D 45 -29.49 -18.25 -21.52
CA GLN D 45 -28.42 -18.55 -22.48
C GLN D 45 -27.11 -18.83 -21.76
N ALA D 46 -26.87 -18.16 -20.64
CA ALA D 46 -25.64 -18.41 -19.86
C ALA D 46 -25.59 -19.85 -19.37
N ALA D 47 -26.69 -20.33 -18.76
CA ALA D 47 -26.73 -21.70 -18.29
C ALA D 47 -26.54 -22.68 -19.43
N ALA D 48 -27.08 -22.37 -20.62
CA ALA D 48 -26.90 -23.26 -21.77
C ALA D 48 -25.45 -23.30 -22.24
N GLU D 49 -24.75 -22.16 -22.20
CA GLU D 49 -23.34 -22.16 -22.58
C GLU D 49 -22.51 -22.94 -21.58
N ILE D 50 -22.83 -22.85 -20.28
CA ILE D 50 -22.10 -23.63 -19.29
C ILE D 50 -22.36 -25.12 -19.49
N GLY D 51 -23.62 -25.50 -19.72
CA GLY D 51 -23.96 -26.80 -20.22
C GLY D 51 -24.32 -27.84 -19.18
N ARG D 52 -23.79 -27.73 -17.96
CA ARG D 52 -24.03 -28.76 -16.96
C ARG D 52 -23.71 -28.22 -15.58
N ASN D 53 -24.27 -28.88 -14.57
CA ASN D 53 -23.99 -28.60 -13.15
C ASN D 53 -24.18 -27.12 -12.82
N VAL D 54 -25.24 -26.52 -13.36
CA VAL D 54 -25.50 -25.10 -13.16
C VAL D 54 -26.99 -24.89 -12.92
N THR D 55 -27.30 -24.02 -11.96
CA THR D 55 -28.67 -23.56 -11.73
C THR D 55 -28.68 -22.04 -11.90
N ALA D 56 -29.54 -21.56 -12.79
CA ALA D 56 -29.72 -20.13 -12.96
C ALA D 56 -30.74 -19.64 -11.94
N VAL D 57 -30.44 -18.51 -11.32
CA VAL D 57 -31.34 -17.91 -10.33
C VAL D 57 -31.61 -16.47 -10.73
N LYS D 58 -32.87 -16.17 -11.01
CA LYS D 58 -33.28 -14.79 -11.25
C LYS D 58 -33.41 -14.09 -9.90
N ALA D 59 -32.61 -13.05 -9.70
CA ALA D 59 -32.62 -12.31 -8.44
C ALA D 59 -31.92 -10.99 -8.64
N ASP D 60 -32.51 -9.93 -8.10
CA ASP D 60 -31.86 -8.64 -7.98
C ASP D 60 -31.17 -8.62 -6.62
N VAL D 61 -29.84 -8.68 -6.61
CA VAL D 61 -29.11 -8.81 -5.36
C VAL D 61 -29.25 -7.58 -4.47
N THR D 62 -29.70 -6.45 -5.03
CA THR D 62 -29.97 -5.27 -4.22
C THR D 62 -31.31 -5.36 -3.50
N LYS D 63 -32.09 -6.41 -3.74
CA LYS D 63 -33.39 -6.61 -3.11
C LYS D 63 -33.24 -7.74 -2.10
N LEU D 64 -33.42 -7.42 -0.82
CA LEU D 64 -33.20 -8.41 0.24
C LEU D 64 -34.10 -9.62 0.07
N GLU D 65 -35.34 -9.41 -0.40
CA GLU D 65 -36.23 -10.55 -0.57
C GLU D 65 -35.78 -11.46 -1.70
N ASP D 66 -35.05 -10.93 -2.68
CA ASP D 66 -34.49 -11.79 -3.71
C ASP D 66 -33.32 -12.60 -3.19
N LEU D 67 -32.55 -12.05 -2.25
CA LEU D 67 -31.44 -12.81 -1.66
C LEU D 67 -31.95 -13.96 -0.81
N ASP D 68 -33.02 -13.74 -0.04
CA ASP D 68 -33.63 -14.83 0.70
C ASP D 68 -34.07 -15.94 -0.24
N ARG D 69 -34.67 -15.57 -1.37
CA ARG D 69 -35.08 -16.56 -2.37
C ARG D 69 -33.87 -17.29 -2.94
N LEU D 70 -32.82 -16.53 -3.27
CA LEU D 70 -31.58 -17.14 -3.78
C LEU D 70 -31.06 -18.21 -2.84
N TYR D 71 -30.91 -17.89 -1.56
CA TYR D 71 -30.28 -18.85 -0.64
C TYR D 71 -31.21 -19.98 -0.23
N ALA D 72 -32.52 -19.79 -0.34
CA ALA D 72 -33.44 -20.92 -0.19
C ALA D 72 -33.25 -21.92 -1.33
N ILE D 73 -33.04 -21.42 -2.55
CA ILE D 73 -32.77 -22.29 -3.69
C ILE D 73 -31.46 -23.04 -3.49
N VAL D 74 -30.43 -22.33 -3.02
CA VAL D 74 -29.13 -22.97 -2.79
C VAL D 74 -29.26 -24.09 -1.76
N ARG D 75 -29.96 -23.82 -0.66
CA ARG D 75 -30.09 -24.84 0.38
C ARG D 75 -30.86 -26.06 -0.13
N GLU D 76 -31.96 -25.81 -0.86
CA GLU D 76 -32.78 -26.92 -1.35
C GLU D 76 -32.00 -27.79 -2.33
N GLN D 77 -31.26 -27.18 -3.25
CA GLN D 77 -30.64 -27.95 -4.32
C GLN D 77 -29.29 -28.53 -3.91
N ARG D 78 -28.51 -27.82 -3.08
CA ARG D 78 -27.16 -28.25 -2.73
C ARG D 78 -26.84 -28.26 -1.24
N GLY D 79 -27.55 -27.50 -0.41
CA GLY D 79 -27.48 -27.60 1.03
C GLY D 79 -26.47 -26.72 1.73
N SER D 80 -25.47 -26.20 1.02
CA SER D 80 -24.43 -25.39 1.65
C SER D 80 -23.65 -24.69 0.55
N ILE D 81 -22.82 -23.73 0.95
CA ILE D 81 -22.01 -22.96 0.01
C ILE D 81 -20.54 -23.12 0.40
N ASP D 82 -19.71 -23.46 -0.58
CA ASP D 82 -18.27 -23.52 -0.39
C ASP D 82 -17.57 -22.27 -0.90
N VAL D 83 -18.05 -21.70 -2.01
CA VAL D 83 -17.43 -20.54 -2.63
C VAL D 83 -18.52 -19.53 -2.96
N LEU D 84 -18.29 -18.27 -2.57
CA LEU D 84 -19.19 -17.18 -2.92
C LEU D 84 -18.39 -16.11 -3.67
N PHE D 85 -18.77 -15.85 -4.91
CA PHE D 85 -18.12 -14.83 -5.74
C PHE D 85 -19.15 -13.70 -5.90
N ALA D 86 -18.99 -12.63 -5.12
CA ALA D 86 -19.89 -11.48 -5.15
C ALA D 86 -19.36 -10.53 -6.22
N ASN D 87 -19.91 -10.65 -7.43
CA ASN D 87 -19.33 -10.03 -8.62
C ASN D 87 -20.22 -8.96 -9.26
N SER D 88 -21.42 -8.72 -8.75
CA SER D 88 -22.30 -7.74 -9.37
C SER D 88 -21.72 -6.33 -9.24
N GLY D 89 -21.78 -5.58 -10.33
CA GLY D 89 -21.28 -4.21 -10.32
C GLY D 89 -21.51 -3.55 -11.67
N ALA D 90 -21.32 -2.23 -11.70
CA ALA D 90 -21.58 -1.46 -12.92
C ALA D 90 -20.86 -0.13 -12.87
N VAL D 91 -20.38 0.32 -14.03
CA VAL D 91 -19.67 1.60 -14.16
C VAL D 91 -20.57 2.58 -14.89
N GLU D 92 -20.76 3.75 -14.31
CA GLU D 92 -21.35 4.89 -15.00
C GLU D 92 -20.43 6.08 -14.76
N GLN D 93 -19.99 6.72 -15.84
CA GLN D 93 -19.04 7.83 -15.72
C GLN D 93 -19.77 9.15 -15.51
N LYS D 94 -19.39 9.84 -14.45
CA LYS D 94 -19.86 11.20 -14.15
C LYS D 94 -18.73 11.92 -13.43
N THR D 95 -18.41 13.13 -13.88
CA THR D 95 -17.45 13.94 -13.14
C THR D 95 -18.10 14.47 -11.86
N LEU D 96 -17.26 15.03 -10.99
CA LEU D 96 -17.75 15.59 -9.73
C LEU D 96 -18.87 16.58 -9.98
N GLU D 97 -18.67 17.50 -10.94
CA GLU D 97 -19.69 18.50 -11.22
C GLU D 97 -20.99 17.87 -11.71
N GLU D 98 -20.90 16.70 -12.34
CA GLU D 98 -22.05 16.04 -12.95
C GLU D 98 -22.80 15.13 -12.00
N ILE D 99 -22.22 14.79 -10.84
CA ILE D 99 -22.83 13.78 -9.96
C ILE D 99 -24.19 14.25 -9.49
N THR D 100 -25.19 13.40 -9.65
CA THR D 100 -26.51 13.60 -9.09
C THR D 100 -26.75 12.62 -7.95
N PRO D 101 -27.70 12.92 -7.06
CA PRO D 101 -28.06 11.94 -6.03
C PRO D 101 -28.47 10.60 -6.63
N GLU D 102 -29.16 10.62 -7.76
CA GLU D 102 -29.58 9.39 -8.40
C GLU D 102 -28.39 8.57 -8.89
N HIS D 103 -27.41 9.24 -9.50
CA HIS D 103 -26.20 8.56 -9.95
C HIS D 103 -25.43 7.94 -8.78
N TYR D 104 -25.24 8.71 -7.70
CA TYR D 104 -24.55 8.18 -6.53
C TYR D 104 -25.28 6.97 -5.96
N ASP D 105 -26.60 7.10 -5.77
CA ASP D 105 -27.36 6.01 -5.17
C ASP D 105 -27.29 4.75 -6.03
N ARG D 106 -27.41 4.91 -7.35
CA ARG D 106 -27.33 3.77 -8.25
C ARG D 106 -25.99 3.07 -8.16
N THR D 107 -24.90 3.84 -8.11
CA THR D 107 -23.57 3.26 -8.07
C THR D 107 -23.34 2.50 -6.77
N PHE D 108 -23.63 3.13 -5.63
CA PHE D 108 -23.36 2.46 -4.36
C PHE D 108 -24.37 1.37 -4.03
N ASP D 109 -25.61 1.48 -4.54
CA ASP D 109 -26.59 0.43 -4.27
C ASP D 109 -26.13 -0.90 -4.84
N VAL D 110 -25.58 -0.88 -6.06
CA VAL D 110 -25.19 -2.12 -6.71
C VAL D 110 -23.82 -2.58 -6.25
N ASN D 111 -22.87 -1.65 -6.12
CA ASN D 111 -21.49 -2.03 -5.86
C ASN D 111 -21.22 -2.31 -4.38
N VAL D 112 -21.92 -1.63 -3.47
CA VAL D 112 -21.61 -1.76 -2.04
C VAL D 112 -22.79 -2.31 -1.25
N ARG D 113 -23.94 -1.62 -1.29
CA ARG D 113 -25.09 -2.05 -0.51
C ARG D 113 -25.48 -3.48 -0.85
N GLY D 114 -25.71 -3.77 -2.13
CA GLY D 114 -26.09 -5.11 -2.53
C GLY D 114 -25.03 -6.13 -2.20
N LEU D 115 -23.76 -5.74 -2.27
CA LEU D 115 -22.68 -6.66 -1.95
C LEU D 115 -22.69 -7.03 -0.47
N ILE D 116 -22.89 -6.04 0.40
CA ILE D 116 -22.95 -6.31 1.84
C ILE D 116 -24.02 -7.34 2.16
N PHE D 117 -25.22 -7.16 1.61
CA PHE D 117 -26.31 -8.05 1.95
C PHE D 117 -26.22 -9.39 1.23
N THR D 118 -25.56 -9.43 0.07
CA THR D 118 -25.26 -10.70 -0.56
C THR D 118 -24.42 -11.59 0.37
N VAL D 119 -23.39 -11.03 0.99
CA VAL D 119 -22.51 -11.80 1.85
C VAL D 119 -23.19 -12.09 3.19
N GLN D 120 -23.86 -11.08 3.76
CA GLN D 120 -24.57 -11.26 5.02
C GLN D 120 -25.50 -12.47 4.98
N LYS D 121 -26.34 -12.54 3.96
CA LYS D 121 -27.35 -13.59 3.89
C LYS D 121 -26.78 -14.92 3.41
N ALA D 122 -25.55 -14.95 2.91
CA ALA D 122 -24.91 -16.22 2.60
C ALA D 122 -24.30 -16.85 3.85
N LEU D 123 -24.12 -16.08 4.92
CA LEU D 123 -23.44 -16.59 6.11
C LEU D 123 -24.04 -17.86 6.68
N PRO D 124 -25.37 -18.01 6.82
CA PRO D 124 -25.90 -19.27 7.36
C PRO D 124 -25.55 -20.51 6.54
N LEU D 125 -25.35 -20.36 5.22
CA LEU D 125 -25.07 -21.49 4.35
C LEU D 125 -23.59 -21.73 4.10
N LEU D 126 -22.75 -20.71 4.30
CA LEU D 126 -21.32 -20.85 4.05
C LEU D 126 -20.69 -21.88 4.97
N ARG D 127 -19.97 -22.83 4.39
CA ARG D 127 -19.27 -23.81 5.20
C ARG D 127 -18.08 -23.16 5.88
N ASP D 128 -17.80 -23.61 7.10
CA ASP D 128 -16.55 -23.22 7.74
C ASP D 128 -15.39 -23.62 6.84
N GLY D 129 -14.43 -22.71 6.69
CA GLY D 129 -13.37 -22.90 5.73
C GLY D 129 -13.73 -22.50 4.32
N GLY D 130 -14.92 -21.95 4.09
CA GLY D 130 -15.31 -21.53 2.77
C GLY D 130 -14.50 -20.32 2.30
N SER D 131 -14.76 -19.91 1.07
CA SER D 131 -14.00 -18.85 0.43
C SER D 131 -14.94 -17.85 -0.23
N VAL D 132 -14.76 -16.58 0.09
CA VAL D 132 -15.57 -15.49 -0.45
C VAL D 132 -14.65 -14.61 -1.28
N ILE D 133 -15.06 -14.31 -2.51
CA ILE D 133 -14.31 -13.42 -3.40
C ILE D 133 -15.17 -12.21 -3.71
N LEU D 134 -14.61 -11.02 -3.48
CA LEU D 134 -15.26 -9.77 -3.80
C LEU D 134 -14.61 -9.17 -5.05
N THR D 135 -15.44 -8.58 -5.92
CA THR D 135 -14.92 -7.90 -7.10
C THR D 135 -14.71 -6.43 -6.76
N SER D 136 -13.46 -6.03 -6.61
CA SER D 136 -13.12 -4.62 -6.52
C SER D 136 -12.74 -4.16 -7.93
N SER D 137 -11.70 -3.35 -8.05
CA SER D 137 -11.28 -2.85 -9.36
C SER D 137 -9.98 -2.09 -9.18
N VAL D 138 -9.17 -2.05 -10.24
CA VAL D 138 -8.04 -1.13 -10.25
C VAL D 138 -8.50 0.30 -10.00
N ALA D 139 -9.75 0.64 -10.36
CA ALA D 139 -10.26 1.98 -10.10
C ALA D 139 -10.19 2.33 -8.62
N GLY D 140 -10.27 1.32 -7.74
CA GLY D 140 -10.22 1.54 -6.31
C GLY D 140 -8.91 2.07 -5.78
N VAL D 141 -7.86 2.11 -6.60
CA VAL D 141 -6.57 2.65 -6.16
C VAL D 141 -6.06 3.69 -7.14
N LEU D 142 -6.90 4.14 -8.06
CA LEU D 142 -6.48 5.08 -9.10
C LEU D 142 -7.32 6.36 -9.03
N GLY D 143 -6.86 7.37 -9.77
CA GLY D 143 -7.59 8.61 -9.92
C GLY D 143 -8.04 8.80 -11.35
N LEU D 144 -9.13 8.14 -11.72
CA LEU D 144 -9.60 8.11 -13.10
C LEU D 144 -10.67 9.17 -13.32
N GLN D 145 -10.46 10.01 -14.34
CA GLN D 145 -11.44 11.02 -14.73
C GLN D 145 -12.83 10.43 -14.85
N ALA D 146 -13.81 11.08 -14.22
CA ALA D 146 -15.24 10.76 -14.33
C ALA D 146 -15.59 9.40 -13.73
N HIS D 147 -14.72 8.82 -12.90
CA HIS D 147 -15.03 7.56 -12.22
C HIS D 147 -15.26 7.76 -10.72
N ASP D 148 -15.72 8.95 -10.32
CA ASP D 148 -15.77 9.34 -8.91
C ASP D 148 -16.47 8.29 -8.05
N THR D 149 -17.73 8.01 -8.34
CA THR D 149 -18.49 7.14 -7.46
C THR D 149 -18.07 5.68 -7.61
N TYR D 150 -17.77 5.25 -8.84
CA TYR D 150 -17.40 3.86 -9.07
C TYR D 150 -16.11 3.50 -8.35
N SER D 151 -15.08 4.34 -8.51
CA SER D 151 -13.82 4.10 -7.82
C SER D 151 -14.00 4.08 -6.31
N ALA D 152 -14.73 5.06 -5.77
CA ALA D 152 -14.97 5.09 -4.33
C ALA D 152 -15.71 3.85 -3.86
N ALA D 153 -16.71 3.41 -4.64
CA ALA D 153 -17.44 2.20 -4.27
C ALA D 153 -16.54 0.97 -4.30
N LYS D 154 -15.68 0.86 -5.31
CA LYS D 154 -14.81 -0.31 -5.37
C LYS D 154 -13.74 -0.27 -4.29
N ALA D 155 -13.33 0.93 -3.87
CA ALA D 155 -12.46 1.04 -2.70
C ALA D 155 -13.19 0.53 -1.45
N ALA D 156 -14.48 0.85 -1.33
CA ALA D 156 -15.26 0.33 -0.21
C ALA D 156 -15.31 -1.20 -0.24
N VAL D 157 -15.40 -1.79 -1.44
CA VAL D 157 -15.45 -3.24 -1.57
C VAL D 157 -14.18 -3.88 -1.03
N ARG D 158 -13.02 -3.32 -1.42
CA ARG D 158 -11.75 -3.88 -0.95
C ARG D 158 -11.63 -3.80 0.57
N SER D 159 -12.10 -2.68 1.15
CA SER D 159 -12.10 -2.53 2.61
C SER D 159 -12.90 -3.64 3.29
N LEU D 160 -14.05 -3.98 2.72
CA LEU D 160 -14.89 -4.99 3.36
C LEU D 160 -14.19 -6.34 3.42
N ALA D 161 -13.33 -6.65 2.46
CA ALA D 161 -12.57 -7.89 2.53
C ALA D 161 -11.69 -7.92 3.78
N ARG D 162 -11.14 -6.78 4.19
CA ARG D 162 -10.35 -6.73 5.41
C ARG D 162 -11.22 -6.98 6.63
N THR D 163 -12.32 -6.21 6.75
CA THR D 163 -13.17 -6.33 7.93
C THR D 163 -13.73 -7.73 8.08
N TRP D 164 -14.20 -8.31 6.97
CA TRP D 164 -14.83 -9.63 7.05
C TRP D 164 -13.80 -10.72 7.31
N THR D 165 -12.55 -10.51 6.89
CA THR D 165 -11.47 -11.41 7.31
C THR D 165 -11.42 -11.51 8.83
N THR D 166 -11.47 -10.36 9.51
CA THR D 166 -11.42 -10.35 10.97
C THR D 166 -12.69 -10.95 11.56
N GLU D 167 -13.86 -10.59 11.02
CA GLU D 167 -15.11 -11.01 11.67
C GLU D 167 -15.39 -12.49 11.45
N LEU D 168 -14.95 -13.07 10.34
CA LEU D 168 -15.28 -14.44 10.00
C LEU D 168 -14.14 -15.40 10.27
N LYS D 169 -13.06 -14.93 10.90
CA LYS D 169 -11.89 -15.78 11.14
C LYS D 169 -12.21 -16.94 12.07
N GLY D 170 -13.16 -16.75 12.99
CA GLY D 170 -13.55 -17.83 13.88
C GLY D 170 -14.13 -19.03 13.15
N ARG D 171 -14.69 -18.80 11.96
CA ARG D 171 -15.21 -19.87 11.11
C ARG D 171 -14.25 -20.28 10.02
N SER D 172 -13.02 -19.73 10.04
CA SER D 172 -11.98 -20.03 9.06
C SER D 172 -12.43 -19.72 7.63
N ILE D 173 -13.35 -18.78 7.48
CA ILE D 173 -13.82 -18.34 6.18
C ILE D 173 -12.85 -17.27 5.66
N ARG D 174 -12.29 -17.50 4.49
CA ARG D 174 -11.39 -16.53 3.87
C ARG D 174 -12.18 -15.57 2.98
N VAL D 175 -11.85 -14.29 3.07
CA VAL D 175 -12.48 -13.26 2.25
C VAL D 175 -11.37 -12.50 1.55
N ASN D 176 -11.43 -12.45 0.22
CA ASN D 176 -10.38 -11.80 -0.56
C ASN D 176 -11.04 -10.99 -1.67
N ALA D 177 -10.37 -9.91 -2.06
CA ALA D 177 -10.83 -9.07 -3.16
C ALA D 177 -9.96 -9.32 -4.39
N VAL D 178 -10.61 -9.42 -5.54
CA VAL D 178 -9.92 -9.40 -6.82
C VAL D 178 -10.16 -8.03 -7.44
N SER D 179 -9.11 -7.42 -7.97
CA SER D 179 -9.18 -6.08 -8.55
C SER D 179 -8.80 -6.18 -10.02
N PRO D 180 -9.76 -6.38 -10.91
CA PRO D 180 -9.46 -6.49 -12.34
C PRO D 180 -8.98 -5.17 -12.91
N GLY D 181 -8.06 -5.26 -13.86
CA GLY D 181 -7.76 -4.15 -14.74
C GLY D 181 -8.73 -4.12 -15.91
N ALA D 182 -8.25 -3.73 -17.08
CA ALA D 182 -9.11 -3.75 -18.27
C ALA D 182 -9.30 -5.18 -18.74
N ILE D 183 -10.56 -5.64 -18.71
CA ILE D 183 -10.92 -6.99 -19.15
C ILE D 183 -11.87 -6.86 -20.34
N ASP D 184 -11.63 -7.66 -21.38
CA ASP D 184 -12.39 -7.61 -22.62
C ASP D 184 -13.76 -8.26 -22.42
N THR D 185 -14.72 -7.48 -21.95
CA THR D 185 -16.08 -7.93 -21.69
C THR D 185 -17.06 -6.94 -22.30
N PRO D 186 -18.36 -7.27 -22.31
CA PRO D 186 -19.35 -6.29 -22.80
C PRO D 186 -19.51 -5.05 -21.92
N SER D 187 -18.75 -4.91 -20.84
CA SER D 187 -18.87 -3.77 -19.96
C SER D 187 -18.06 -2.57 -20.43
N LEU D 188 -17.33 -2.71 -21.54
CA LEU D 188 -16.49 -1.63 -22.06
C LEU D 188 -17.24 -0.84 -23.15
N ARG D 202 -9.27 2.81 -26.76
CA ARG D 202 -9.20 1.36 -26.99
C ARG D 202 -7.82 0.84 -26.65
N ALA D 203 -6.81 1.32 -27.37
CA ALA D 203 -5.41 0.99 -27.17
C ALA D 203 -4.77 1.71 -25.99
N LYS D 204 -5.50 2.65 -25.36
CA LYS D 204 -4.97 3.38 -24.21
C LYS D 204 -4.79 2.45 -23.01
N ALA D 205 -5.78 1.60 -22.77
CA ALA D 205 -5.67 0.63 -21.69
C ALA D 205 -4.51 -0.34 -21.94
N ALA D 206 -4.37 -0.81 -23.17
CA ALA D 206 -3.27 -1.70 -23.52
C ALA D 206 -1.91 -0.99 -23.48
N ALA D 207 -1.88 0.31 -23.77
CA ALA D 207 -0.62 1.04 -23.80
C ALA D 207 -0.10 1.33 -22.40
N ALA D 208 -0.98 1.49 -21.42
CA ALA D 208 -0.57 1.76 -20.05
C ALA D 208 -0.27 0.49 -19.28
N THR D 209 -0.58 -0.68 -19.85
CA THR D 209 -0.43 -1.96 -19.18
C THR D 209 0.85 -2.63 -19.65
N PRO D 210 1.75 -3.03 -18.73
CA PRO D 210 2.98 -3.70 -19.17
C PRO D 210 2.75 -4.88 -20.09
N LEU D 211 1.77 -5.75 -19.82
CA LEU D 211 1.55 -6.88 -20.71
C LEU D 211 1.05 -6.48 -22.09
N GLY D 212 0.67 -5.21 -22.27
CA GLY D 212 0.40 -4.67 -23.59
C GLY D 212 -0.92 -5.06 -24.22
N ARG D 213 -1.90 -5.46 -23.42
CA ARG D 213 -3.19 -5.90 -23.95
C ARG D 213 -4.22 -5.87 -22.83
N VAL D 214 -5.50 -5.85 -23.23
CA VAL D 214 -6.56 -6.07 -22.26
C VAL D 214 -6.58 -7.55 -21.86
N GLY D 215 -7.12 -7.81 -20.69
CA GLY D 215 -7.23 -9.18 -20.23
C GLY D 215 -8.42 -9.91 -20.81
N ARG D 216 -8.31 -11.23 -20.89
CA ARG D 216 -9.44 -12.04 -21.31
C ARG D 216 -10.27 -12.42 -20.10
N PRO D 217 -11.60 -12.52 -20.25
CA PRO D 217 -12.44 -12.90 -19.11
C PRO D 217 -12.00 -14.21 -18.46
N GLU D 218 -11.49 -15.15 -19.25
CA GLU D 218 -11.01 -16.42 -18.72
C GLU D 218 -9.81 -16.22 -17.80
N GLU D 219 -9.03 -15.17 -18.03
CA GLU D 219 -7.87 -14.89 -17.18
C GLU D 219 -8.29 -14.39 -15.80
N LEU D 220 -9.33 -13.57 -15.73
CA LEU D 220 -9.85 -13.17 -14.44
C LEU D 220 -10.50 -14.37 -13.73
N ALA D 221 -11.22 -15.18 -14.51
CA ALA D 221 -11.82 -16.38 -13.93
C ALA D 221 -10.77 -17.27 -13.28
N ALA D 222 -9.61 -17.39 -13.92
CA ALA D 222 -8.55 -18.25 -13.38
C ALA D 222 -8.00 -17.70 -12.08
N ALA D 223 -7.92 -16.37 -11.96
CA ALA D 223 -7.46 -15.76 -10.72
C ALA D 223 -8.49 -15.94 -9.61
N VAL D 224 -9.78 -15.81 -9.95
CA VAL D 224 -10.83 -16.06 -8.96
C VAL D 224 -10.79 -17.52 -8.51
N LEU D 225 -10.52 -18.43 -9.45
CA LEU D 225 -10.39 -19.84 -9.10
C LEU D 225 -9.29 -20.06 -8.07
N PHE D 226 -8.15 -19.37 -8.22
CA PHE D 226 -7.10 -19.49 -7.22
C PHE D 226 -7.65 -19.18 -5.83
N LEU D 227 -8.36 -18.05 -5.70
CA LEU D 227 -8.92 -17.64 -4.42
C LEU D 227 -10.01 -18.61 -3.95
N ALA D 228 -10.75 -19.21 -4.88
CA ALA D 228 -11.80 -20.16 -4.51
C ALA D 228 -11.22 -21.50 -4.10
N SER D 229 -10.08 -21.88 -4.68
CA SER D 229 -9.52 -23.21 -4.51
C SER D 229 -8.69 -23.28 -3.24
N ASP D 230 -8.33 -24.51 -2.85
CA ASP D 230 -7.50 -24.72 -1.68
C ASP D 230 -6.07 -24.24 -1.87
N ASP D 231 -5.65 -23.93 -3.09
CA ASP D 231 -4.31 -23.39 -3.31
C ASP D 231 -4.09 -22.10 -2.54
N SER D 232 -5.16 -21.37 -2.21
CA SER D 232 -5.08 -20.10 -1.49
C SER D 232 -5.47 -20.23 -0.02
N SER D 233 -5.29 -21.43 0.56
CA SER D 233 -5.78 -21.68 1.91
C SER D 233 -5.08 -20.84 2.99
N TYR D 234 -3.92 -20.25 2.70
CA TYR D 234 -3.28 -19.32 3.63
C TYR D 234 -3.31 -17.88 3.13
N VAL D 235 -4.25 -17.55 2.24
CA VAL D 235 -4.39 -16.22 1.68
C VAL D 235 -5.70 -15.62 2.19
N ALA D 236 -5.62 -14.49 2.89
CA ALA D 236 -6.80 -13.91 3.51
C ALA D 236 -6.70 -12.38 3.52
N GLY D 237 -7.81 -11.73 3.16
CA GLY D 237 -7.92 -10.28 3.24
C GLY D 237 -7.22 -9.50 2.14
N ILE D 238 -6.69 -10.17 1.12
CA ILE D 238 -5.80 -9.50 0.16
C ILE D 238 -6.58 -8.80 -0.94
N GLU D 239 -5.86 -7.97 -1.70
CA GLU D 239 -6.33 -7.40 -2.95
C GLU D 239 -5.45 -7.97 -4.05
N LEU D 240 -6.03 -8.85 -4.86
CA LEU D 240 -5.30 -9.52 -5.94
C LEU D 240 -5.50 -8.72 -7.23
N PHE D 241 -4.47 -7.99 -7.65
CA PHE D 241 -4.56 -7.24 -8.89
C PHE D 241 -4.40 -8.17 -10.07
N VAL D 242 -5.35 -8.11 -11.00
CA VAL D 242 -5.29 -8.91 -12.22
C VAL D 242 -5.40 -7.91 -13.36
N ASP D 243 -4.30 -7.24 -13.65
CA ASP D 243 -4.36 -6.05 -14.48
C ASP D 243 -3.16 -5.94 -15.42
N GLY D 244 -2.46 -7.05 -15.65
CA GLY D 244 -1.30 -7.02 -16.51
C GLY D 244 -0.21 -6.08 -16.05
N GLY D 245 -0.23 -5.68 -14.78
CA GLY D 245 0.78 -4.81 -14.22
C GLY D 245 0.40 -3.34 -14.17
N LEU D 246 -0.82 -2.99 -14.60
CA LEU D 246 -1.20 -1.59 -14.75
C LEU D 246 -0.93 -0.78 -13.48
N THR D 247 -1.40 -1.26 -12.33
CA THR D 247 -1.27 -0.51 -11.09
C THR D 247 0.04 -0.76 -10.37
N GLN D 248 0.88 -1.66 -10.89
CA GLN D 248 2.04 -2.16 -10.16
C GLN D 248 3.36 -1.53 -10.60
N VAL D 249 3.38 -0.76 -11.67
CA VAL D 249 4.62 -0.18 -12.16
C VAL D 249 4.47 1.33 -12.24
#